data_6DYY
#
_entry.id   6DYY
#
_cell.length_a   72.564
_cell.length_b   74.028
_cell.length_c   176.887
_cell.angle_alpha   90.00
_cell.angle_beta   90.00
_cell.angle_gamma   90.00
#
_symmetry.space_group_name_H-M   'P 21 21 21'
#
loop_
_entity.id
_entity.type
_entity.pdbx_description
1 polymer "5'-methylthioadenosine/S-adenosylhomocysteine nucleosidase"
2 non-polymer 1,2-ETHANEDIOL
3 non-polymer 'MAGNESIUM ION'
4 non-polymer (3R,4S)-1-[(4-amino-5H-pyrrolo[3,2-d]pyrimidin-7-yl)methyl]-4-({[3-(1-butyl-1H-1,2,3-triazol-4-yl)propyl]sulfanyl}methyl)pyrrolidin-3-ol
5 water water
#
_entity_poly.entity_id   1
_entity_poly.type   'polypeptide(L)'
_entity_poly.pdbx_seq_one_letter_code
;MGHHHHHHENLYFQGVQKIGILGAMREEITPILELFGVDFEEIPLGGNVFHKGVYHNKEIIVAYSKIGKVHSTLTTTSMI
LAFGVQKVLFSGVAGSLVKDLKINDLLVATQLVQHDVDLSAFDHPLGFIPESAIFIETSGSLNALAKKIANEQHIALKEG
VIASGDQFVHSKERKEFLVSEFKASAVEMEGASVAFVCQKFGVPCCVLRSISDNADEKAGMSFDEFLEKSAHTSAKFLKS
MVDEL
;
_entity_poly.pdbx_strand_id   A,B,C,D
#
# COMPACT_ATOMS: atom_id res chain seq x y z
N GLN A 14 1.49 17.33 26.97
CA GLN A 14 1.54 15.98 27.59
C GLN A 14 1.30 16.06 29.11
N GLY A 15 2.27 15.71 29.96
CA GLY A 15 2.05 15.65 31.41
C GLY A 15 1.53 14.35 32.02
N VAL A 16 1.18 13.35 31.20
CA VAL A 16 0.93 12.01 31.69
C VAL A 16 1.75 10.98 30.90
N GLN A 17 2.22 9.94 31.59
CA GLN A 17 2.99 8.88 30.95
C GLN A 17 2.05 7.83 30.34
N LYS A 18 2.27 7.50 29.05
CA LYS A 18 1.44 6.54 28.32
C LYS A 18 2.34 5.41 27.84
N ILE A 19 2.06 4.19 28.28
CA ILE A 19 2.90 3.03 28.00
C ILE A 19 2.12 2.00 27.19
N GLY A 20 2.67 1.60 26.04
CA GLY A 20 2.09 0.55 25.22
C GLY A 20 2.69 -0.77 25.62
N ILE A 21 1.85 -1.78 25.76
CA ILE A 21 2.25 -3.12 26.14
C ILE A 21 1.68 -4.09 25.10
N LEU A 22 2.57 -4.86 24.45
CA LEU A 22 2.18 -5.72 23.33
C LEU A 22 2.58 -7.15 23.54
N GLY A 23 1.68 -8.05 23.15
CA GLY A 23 2.03 -9.43 22.85
C GLY A 23 1.60 -9.74 21.43
N ALA A 24 1.95 -10.92 20.94
CA ALA A 24 1.51 -11.37 19.61
C ALA A 24 0.20 -12.14 19.66
N MET A 25 0.07 -13.00 20.67
CA MET A 25 -1.09 -13.90 20.80
C MET A 25 -1.90 -13.51 22.02
N ARG A 26 -3.20 -13.83 21.99
CA ARG A 26 -4.06 -13.63 23.17
C ARG A 26 -3.43 -14.21 24.44
N GLU A 27 -2.88 -15.41 24.32
CA GLU A 27 -2.26 -16.10 25.45
C GLU A 27 -1.10 -15.31 26.08
N GLU A 28 -0.43 -14.46 25.30
CA GLU A 28 0.66 -13.66 25.83
C GLU A 28 0.18 -12.44 26.59
N ILE A 29 -1.03 -11.96 26.34
CA ILE A 29 -1.55 -10.80 27.07
C ILE A 29 -2.53 -11.16 28.19
N THR A 30 -3.13 -12.35 28.15
CA THR A 30 -4.03 -12.80 29.24
C THR A 30 -3.40 -12.60 30.63
N PRO A 31 -2.16 -13.11 30.84
CA PRO A 31 -1.52 -12.89 32.14
C PRO A 31 -1.17 -11.42 32.43
N ILE A 32 -0.91 -10.61 31.40
CA ILE A 32 -0.63 -9.20 31.59
C ILE A 32 -1.88 -8.50 32.16
N LEU A 33 -3.03 -8.72 31.51
CA LEU A 33 -4.27 -8.10 31.97
C LEU A 33 -4.60 -8.51 33.40
N GLU A 34 -4.44 -9.80 33.68
CA GLU A 34 -4.73 -10.35 35.01
C GLU A 34 -3.79 -9.76 36.07
N LEU A 35 -2.50 -9.72 35.77
CA LEU A 35 -1.50 -9.28 36.75
C LEU A 35 -1.63 -7.81 37.11
N PHE A 36 -1.95 -6.96 36.13
CA PHE A 36 -2.15 -5.55 36.43
C PHE A 36 -3.38 -5.31 37.30
N GLY A 37 -4.42 -6.14 37.11
CA GLY A 37 -5.58 -6.17 37.99
C GLY A 37 -6.40 -4.89 38.05
N VAL A 38 -6.33 -4.07 37.00
CA VAL A 38 -7.12 -2.83 36.92
C VAL A 38 -8.21 -3.01 35.88
N ASP A 39 -9.17 -2.08 35.89
CA ASP A 39 -10.25 -2.10 34.91
C ASP A 39 -9.75 -1.51 33.61
N PHE A 40 -10.03 -2.19 32.50
CA PHE A 40 -9.63 -1.72 31.17
C PHE A 40 -10.87 -1.41 30.34
N GLU A 41 -10.83 -0.29 29.61
CA GLU A 41 -11.78 0.02 28.55
C GLU A 41 -11.26 -0.66 27.27
N GLU A 42 -12.15 -1.38 26.58
CA GLU A 42 -11.79 -2.06 25.33
C GLU A 42 -12.12 -1.17 24.14
N ILE A 43 -11.12 -0.88 23.31
CA ILE A 43 -11.26 0.05 22.19
C ILE A 43 -10.86 -0.66 20.91
N PRO A 44 -11.81 -0.91 20.00
CA PRO A 44 -11.48 -1.59 18.73
C PRO A 44 -10.91 -0.60 17.71
N LEU A 45 -9.87 -1.02 16.99
CA LEU A 45 -9.28 -0.19 15.95
C LEU A 45 -8.40 -1.06 15.08
N GLY A 46 -8.63 -1.00 13.76
CA GLY A 46 -7.79 -1.72 12.81
C GLY A 46 -7.67 -3.21 13.01
N GLY A 47 -8.75 -3.84 13.49
CA GLY A 47 -8.80 -5.27 13.72
C GLY A 47 -8.13 -5.74 15.01
N ASN A 48 -7.72 -4.79 15.85
CA ASN A 48 -7.21 -5.10 17.18
C ASN A 48 -8.17 -4.56 18.23
N VAL A 49 -8.06 -5.10 19.44
CA VAL A 49 -8.75 -4.54 20.60
C VAL A 49 -7.68 -4.04 21.57
N PHE A 50 -7.73 -2.75 21.86
CA PHE A 50 -6.79 -2.12 22.78
C PHE A 50 -7.46 -1.99 24.16
N HIS A 51 -6.73 -2.43 25.19
CA HIS A 51 -7.22 -2.42 26.57
C HIS A 51 -6.55 -1.25 27.26
N LYS A 52 -7.33 -0.21 27.59
CA LYS A 52 -6.79 1.03 28.12
C LYS A 52 -7.18 1.20 29.58
N GLY A 53 -6.19 1.40 30.44
CA GLY A 53 -6.43 1.62 31.86
C GLY A 53 -5.41 2.53 32.48
N VAL A 54 -5.53 2.73 33.79
CA VAL A 54 -4.61 3.55 34.56
C VAL A 54 -4.02 2.69 35.65
N TYR A 55 -2.70 2.82 35.84
CA TYR A 55 -1.96 2.04 36.81
C TYR A 55 -0.82 2.89 37.34
N HIS A 56 -0.82 3.19 38.65
CA HIS A 56 0.25 3.97 39.29
C HIS A 56 0.55 5.27 38.53
N ASN A 57 -0.49 6.06 38.25
CA ASN A 57 -0.35 7.36 37.56
C ASN A 57 0.10 7.25 36.09
N LYS A 58 0.08 6.04 35.51
CA LYS A 58 0.44 5.85 34.10
C LYS A 58 -0.75 5.31 33.36
N GLU A 59 -0.95 5.79 32.14
CA GLU A 59 -1.90 5.19 31.23
C GLU A 59 -1.22 3.97 30.61
N ILE A 60 -1.84 2.79 30.71
CA ILE A 60 -1.33 1.59 30.07
C ILE A 60 -2.30 1.14 28.96
N ILE A 61 -1.77 0.84 27.77
CA ILE A 61 -2.57 0.38 26.64
C ILE A 61 -2.02 -1.00 26.26
N VAL A 62 -2.82 -2.04 26.46
CA VAL A 62 -2.42 -3.41 26.22
C VAL A 62 -3.14 -3.99 25.00
N ALA A 63 -2.41 -4.69 24.12
CA ALA A 63 -3.06 -5.38 23.00
C ALA A 63 -2.24 -6.57 22.54
N TYR A 64 -2.87 -7.57 21.96
CA TYR A 64 -2.13 -8.58 21.19
C TYR A 64 -2.31 -8.27 19.72
N SER A 65 -1.22 -8.37 18.95
CA SER A 65 -1.25 -7.95 17.57
C SER A 65 -1.89 -8.94 16.60
N LYS A 66 -1.85 -10.21 16.98
CA LYS A 66 -1.95 -11.39 16.11
C LYS A 66 -0.57 -11.71 15.52
N ILE A 67 -0.41 -12.91 15.02
CA ILE A 67 0.92 -13.48 14.75
C ILE A 67 1.60 -12.85 13.53
N GLY A 68 2.90 -12.63 13.64
CA GLY A 68 3.76 -12.34 12.48
C GLY A 68 4.08 -10.89 12.27
N LYS A 69 4.85 -10.63 11.22
CA LYS A 69 5.43 -9.31 11.03
C LYS A 69 4.44 -8.22 10.63
N VAL A 70 3.55 -8.53 9.69
CA VAL A 70 2.55 -7.56 9.26
C VAL A 70 1.59 -7.19 10.39
N HIS A 71 1.03 -8.20 11.05
CA HIS A 71 0.15 -7.94 12.19
C HIS A 71 0.82 -7.02 13.22
N SER A 72 2.04 -7.41 13.63
CA SER A 72 2.71 -6.66 14.70
C SER A 72 3.12 -5.26 14.28
N THR A 73 3.50 -5.07 13.03
CA THR A 73 3.79 -3.74 12.49
C THR A 73 2.55 -2.84 12.57
N LEU A 74 1.43 -3.37 12.11
CA LEU A 74 0.17 -2.61 12.13
C LEU A 74 -0.16 -2.16 13.56
N THR A 75 -0.20 -3.11 14.47
CA THR A 75 -0.63 -2.85 15.83
C THR A 75 0.29 -1.85 16.55
N THR A 76 1.60 -1.97 16.31
CA THR A 76 2.53 -1.04 16.93
C THR A 76 2.32 0.37 16.39
N THR A 77 2.10 0.49 15.09
CA THR A 77 1.84 1.78 14.47
C THR A 77 0.55 2.40 15.03
N SER A 78 -0.48 1.58 15.18
CA SER A 78 -1.75 2.06 15.79
C SER A 78 -1.55 2.53 17.23
N MET A 79 -0.80 1.76 18.01
CA MET A 79 -0.47 2.18 19.39
C MET A 79 0.13 3.57 19.45
N ILE A 80 1.09 3.80 18.57
CA ILE A 80 1.81 5.07 18.55
C ILE A 80 0.92 6.19 18.03
N LEU A 81 0.30 6.00 16.87
CA LEU A 81 -0.46 7.08 16.23
C LEU A 81 -1.81 7.36 16.88
N ALA A 82 -2.54 6.31 17.26
CA ALA A 82 -3.88 6.47 17.81
C ALA A 82 -3.87 6.72 19.31
N PHE A 83 -2.95 6.09 20.04
CA PHE A 83 -2.93 6.17 21.51
C PHE A 83 -1.80 7.01 22.11
N GLY A 84 -0.88 7.50 21.28
CA GLY A 84 0.18 8.39 21.71
C GLY A 84 1.15 7.80 22.72
N VAL A 85 1.38 6.49 22.65
CA VAL A 85 2.29 5.88 23.63
C VAL A 85 3.71 6.44 23.50
N GLN A 86 4.35 6.62 24.65
CA GLN A 86 5.70 7.16 24.72
C GLN A 86 6.76 6.09 24.89
N LYS A 87 6.35 4.89 25.29
CA LYS A 87 7.21 3.70 25.35
C LYS A 87 6.42 2.49 24.91
N VAL A 88 7.09 1.47 24.37
CA VAL A 88 6.46 0.21 24.03
C VAL A 88 7.26 -0.93 24.64
N LEU A 89 6.58 -1.78 25.42
CA LEU A 89 7.18 -2.97 26.01
C LEU A 89 6.48 -4.17 25.41
N PHE A 90 7.26 -5.08 24.81
CA PHE A 90 6.71 -6.31 24.25
C PHE A 90 7.01 -7.47 25.21
N SER A 91 6.01 -8.33 25.40
CA SER A 91 6.13 -9.54 26.20
C SER A 91 5.55 -10.74 25.46
N GLY A 92 6.30 -11.84 25.45
CA GLY A 92 5.83 -13.06 24.82
C GLY A 92 6.84 -14.17 24.89
N VAL A 93 6.65 -15.17 24.04
CA VAL A 93 7.49 -16.35 24.06
C VAL A 93 8.39 -16.43 22.82
N ALA A 94 9.41 -17.28 22.86
CA ALA A 94 10.35 -17.41 21.75
C ALA A 94 11.01 -18.77 21.72
N GLY A 95 11.58 -19.12 20.57
CA GLY A 95 12.37 -20.33 20.41
C GLY A 95 13.82 -20.02 20.75
N SER A 96 14.45 -20.90 21.53
CA SER A 96 15.87 -20.77 21.85
C SER A 96 16.75 -21.30 20.71
N LEU A 97 17.81 -20.55 20.40
CA LEU A 97 18.81 -20.95 19.44
C LEU A 97 20.14 -21.35 20.08
N VAL A 98 20.26 -21.19 21.40
CA VAL A 98 21.53 -21.39 22.11
C VAL A 98 21.31 -22.29 23.33
N LYS A 99 22.29 -23.16 23.59
CA LYS A 99 22.19 -24.17 24.64
C LYS A 99 21.90 -23.60 26.03
N ASP A 100 22.43 -22.42 26.33
CA ASP A 100 22.23 -21.78 27.64
C ASP A 100 20.90 -21.06 27.84
N LEU A 101 20.07 -20.97 26.80
CA LEU A 101 18.69 -20.48 26.96
C LEU A 101 17.77 -21.68 26.96
N LYS A 102 17.26 -21.99 28.15
CA LYS A 102 16.38 -23.14 28.39
C LYS A 102 14.93 -22.71 28.44
N ILE A 103 14.03 -23.70 28.34
CA ILE A 103 12.60 -23.46 28.51
C ILE A 103 12.35 -22.62 29.76
N ASN A 104 11.56 -21.56 29.60
CA ASN A 104 11.15 -20.61 30.64
C ASN A 104 12.16 -19.49 30.91
N ASP A 105 13.39 -19.59 30.42
CA ASP A 105 14.38 -18.53 30.62
C ASP A 105 13.96 -17.25 29.90
N LEU A 106 14.34 -16.12 30.50
CA LEU A 106 14.03 -14.80 29.98
C LEU A 106 15.23 -14.24 29.24
N LEU A 107 14.91 -13.55 28.13
CA LEU A 107 15.88 -12.84 27.30
C LEU A 107 15.30 -11.45 27.03
N VAL A 108 16.17 -10.43 27.11
CA VAL A 108 15.85 -9.11 26.58
C VAL A 108 16.63 -8.92 25.29
N ALA A 109 15.98 -8.43 24.23
CA ALA A 109 16.64 -8.25 22.93
C ALA A 109 17.49 -7.01 22.91
N THR A 110 18.78 -7.14 22.62
CA THR A 110 19.65 -5.99 22.45
C THR A 110 19.44 -5.39 21.06
N GLN A 111 19.49 -6.25 20.05
CA GLN A 111 19.15 -5.88 18.70
C GLN A 111 18.29 -6.95 18.09
N LEU A 112 17.58 -6.58 17.03
CA LEU A 112 16.73 -7.52 16.32
C LEU A 112 16.96 -7.43 14.84
N VAL A 113 16.66 -8.53 14.15
CA VAL A 113 16.84 -8.63 12.71
C VAL A 113 15.61 -9.31 12.11
N GLN A 114 15.28 -8.92 10.88
CA GLN A 114 14.30 -9.64 10.09
C GLN A 114 15.06 -10.70 9.30
N HIS A 115 15.05 -11.92 9.82
CA HIS A 115 15.94 -12.97 9.30
C HIS A 115 15.57 -13.51 7.94
N ASP A 116 14.34 -13.26 7.52
CA ASP A 116 13.82 -13.77 6.25
C ASP A 116 13.90 -12.77 5.09
N VAL A 117 14.47 -11.60 5.34
CA VAL A 117 14.65 -10.60 4.30
C VAL A 117 15.80 -11.02 3.39
N ASP A 118 15.57 -11.03 2.07
CA ASP A 118 16.59 -11.48 1.12
C ASP A 118 16.54 -10.64 -0.15
N LEU A 119 17.44 -9.66 -0.20
CA LEU A 119 17.69 -8.85 -1.39
C LEU A 119 19.12 -9.13 -1.92
N SER A 120 19.56 -10.37 -1.73
CA SER A 120 20.88 -10.82 -2.17
C SER A 120 21.07 -10.74 -3.68
N ALA A 121 19.98 -10.74 -4.46
CA ALA A 121 20.08 -10.56 -5.93
C ALA A 121 20.73 -9.23 -6.31
N PHE A 122 20.66 -8.23 -5.40
CA PHE A 122 21.30 -6.94 -5.61
C PHE A 122 22.54 -6.76 -4.74
N ASP A 123 23.11 -7.87 -4.29
CA ASP A 123 24.32 -7.91 -3.47
C ASP A 123 24.18 -7.32 -2.09
N HIS A 124 22.94 -7.25 -1.58
CA HIS A 124 22.74 -6.80 -0.22
C HIS A 124 22.96 -7.99 0.71
N PRO A 125 23.56 -7.74 1.89
CA PRO A 125 23.57 -8.81 2.89
C PRO A 125 22.16 -9.23 3.27
N LEU A 126 22.04 -10.48 3.67
CA LEU A 126 20.76 -10.99 4.16
C LEU A 126 20.32 -10.16 5.38
N GLY A 127 19.01 -9.88 5.43
CA GLY A 127 18.46 -9.04 6.49
C GLY A 127 18.40 -7.56 6.19
N PHE A 128 19.13 -7.11 5.16
CA PHE A 128 19.23 -5.70 4.84
C PHE A 128 18.21 -5.25 3.80
N ILE A 129 17.60 -4.11 4.08
CA ILE A 129 16.76 -3.39 3.11
C ILE A 129 17.33 -1.98 2.96
N PRO A 130 17.47 -1.50 1.72
CA PRO A 130 17.85 -0.10 1.51
C PRO A 130 17.00 0.89 2.32
N GLU A 131 17.65 1.93 2.83
CA GLU A 131 17.03 2.94 3.69
C GLU A 131 16.67 2.39 5.08
N SER A 132 17.22 1.23 5.43
CA SER A 132 17.11 0.67 6.77
C SER A 132 18.48 0.11 7.20
N ALA A 133 18.46 -0.91 8.05
CA ALA A 133 19.67 -1.56 8.56
C ALA A 133 19.35 -3.01 8.86
N ILE A 134 20.37 -3.87 8.93
CA ILE A 134 20.16 -5.26 9.30
C ILE A 134 19.62 -5.35 10.73
N PHE A 135 20.28 -4.67 11.65
CA PHE A 135 19.99 -4.75 13.06
C PHE A 135 19.28 -3.48 13.52
N ILE A 136 18.20 -3.71 14.26
CA ILE A 136 17.38 -2.66 14.84
C ILE A 136 17.67 -2.64 16.34
N GLU A 137 17.98 -1.45 16.88
CA GLU A 137 18.28 -1.31 18.29
C GLU A 137 17.03 -1.07 19.12
N THR A 138 17.09 -1.50 20.36
CA THR A 138 16.10 -1.26 21.38
C THR A 138 16.68 -0.25 22.39
N SER A 139 15.88 0.08 23.40
CA SER A 139 16.21 1.13 24.33
C SER A 139 17.25 0.69 25.36
N GLY A 140 18.39 1.37 25.38
CA GLY A 140 19.44 1.09 26.37
C GLY A 140 18.97 1.36 27.78
N SER A 141 18.22 2.45 27.99
CA SER A 141 17.72 2.75 29.32
C SER A 141 16.75 1.70 29.85
N LEU A 142 15.85 1.22 28.99
CA LEU A 142 14.93 0.15 29.40
C LEU A 142 15.64 -1.18 29.60
N ASN A 143 16.58 -1.52 28.73
CA ASN A 143 17.31 -2.77 28.88
C ASN A 143 18.15 -2.75 30.18
N ALA A 144 18.73 -1.59 30.49
CA ALA A 144 19.47 -1.41 31.75
C ALA A 144 18.53 -1.60 32.97
N LEU A 145 17.32 -1.05 32.87
CA LEU A 145 16.32 -1.24 33.92
C LEU A 145 15.99 -2.72 34.12
N ALA A 146 15.77 -3.43 33.01
CA ALA A 146 15.50 -4.86 33.08
C ALA A 146 16.61 -5.63 33.80
N LYS A 147 17.85 -5.34 33.45
CA LYS A 147 19.00 -6.02 34.06
C LYS A 147 19.09 -5.73 35.57
N LYS A 148 18.82 -4.48 35.94
CA LYS A 148 18.85 -4.07 37.34
C LYS A 148 17.80 -4.84 38.16
N ILE A 149 16.58 -4.86 37.66
CA ILE A 149 15.52 -5.55 38.41
C ILE A 149 15.71 -7.05 38.42
N ALA A 150 16.20 -7.64 37.33
CA ALA A 150 16.49 -9.08 37.33
C ALA A 150 17.52 -9.43 38.40
N ASN A 151 18.54 -8.62 38.53
CA ASN A 151 19.56 -8.82 39.57
C ASN A 151 18.93 -8.72 40.96
N GLU A 152 18.06 -7.74 41.17
CA GLU A 152 17.32 -7.61 42.45
C GLU A 152 16.42 -8.80 42.76
N GLN A 153 15.74 -9.33 41.74
CA GLN A 153 14.83 -10.48 41.86
C GLN A 153 15.57 -11.82 41.93
N HIS A 154 16.88 -11.82 41.69
CA HIS A 154 17.67 -13.05 41.57
C HIS A 154 17.11 -13.96 40.48
N ILE A 155 16.76 -13.37 39.35
CA ILE A 155 16.39 -14.17 38.18
C ILE A 155 17.41 -13.94 37.09
N ALA A 156 17.71 -15.00 36.36
CA ALA A 156 18.62 -14.93 35.24
C ALA A 156 17.89 -14.16 34.15
N LEU A 157 18.57 -13.17 33.62
CA LEU A 157 18.10 -12.47 32.44
C LEU A 157 19.25 -12.46 31.50
N LYS A 158 19.06 -13.05 30.32
CA LYS A 158 20.06 -12.99 29.28
C LYS A 158 19.73 -11.83 28.38
N GLU A 159 20.72 -11.37 27.65
CA GLU A 159 20.51 -10.38 26.60
C GLU A 159 21.14 -10.90 25.33
N GLY A 160 20.56 -10.54 24.19
CA GLY A 160 21.15 -10.95 22.95
C GLY A 160 20.30 -10.56 21.77
N VAL A 161 20.72 -11.04 20.61
CA VAL A 161 20.07 -10.71 19.35
C VAL A 161 18.87 -11.65 19.18
N ILE A 162 17.73 -11.07 18.79
CA ILE A 162 16.54 -11.87 18.46
C ILE A 162 16.29 -11.74 16.96
N ALA A 163 16.07 -12.89 16.32
CA ALA A 163 15.74 -12.96 14.91
C ALA A 163 14.24 -13.13 14.75
N SER A 164 13.62 -12.32 13.89
CA SER A 164 12.18 -12.40 13.63
C SER A 164 11.92 -12.64 12.16
N GLY A 165 10.95 -13.51 11.87
CA GLY A 165 10.55 -13.81 10.50
C GLY A 165 9.14 -14.33 10.50
N ASP A 166 8.61 -14.56 9.30
CA ASP A 166 7.22 -15.03 9.15
C ASP A 166 7.12 -16.55 8.99
N GLN A 167 8.07 -17.26 9.57
CA GLN A 167 8.06 -18.72 9.66
C GLN A 167 8.26 -19.16 11.10
N PHE A 168 7.53 -20.20 11.51
CA PHE A 168 7.82 -20.88 12.77
C PHE A 168 8.98 -21.80 12.48
N VAL A 169 10.09 -21.61 13.18
CA VAL A 169 11.33 -22.32 12.91
C VAL A 169 11.34 -23.63 13.70
N HIS A 170 11.58 -24.74 12.99
CA HIS A 170 11.48 -26.06 13.61
C HIS A 170 12.42 -27.02 12.91
N SER A 171 13.65 -26.56 12.68
CA SER A 171 14.66 -27.38 12.04
C SER A 171 16.05 -26.97 12.45
N LYS A 172 16.92 -27.99 12.56
CA LYS A 172 18.33 -27.78 12.81
C LYS A 172 18.95 -26.83 11.79
N GLU A 173 18.63 -27.04 10.51
CA GLU A 173 19.25 -26.30 9.43
C GLU A 173 18.95 -24.79 9.57
N ARG A 174 17.69 -24.46 9.85
CA ARG A 174 17.33 -23.05 9.95
C ARG A 174 17.88 -22.41 11.23
N LYS A 175 17.81 -23.13 12.35
CA LYS A 175 18.43 -22.65 13.60
C LYS A 175 19.87 -22.27 13.39
N GLU A 176 20.61 -23.17 12.75
CA GLU A 176 22.03 -22.95 12.59
C GLU A 176 22.34 -21.79 11.64
N PHE A 177 21.50 -21.58 10.63
CA PHE A 177 21.60 -20.39 9.78
C PHE A 177 21.43 -19.10 10.60
N LEU A 178 20.45 -19.08 11.50
CA LEU A 178 20.19 -17.87 12.30
C LEU A 178 21.39 -17.52 13.19
N VAL A 179 22.02 -18.55 13.74
CA VAL A 179 23.21 -18.36 14.56
C VAL A 179 24.40 -17.93 13.69
N SER A 180 24.62 -18.62 12.57
CA SER A 180 25.79 -18.31 11.74
C SER A 180 25.67 -16.94 11.03
N GLU A 181 24.47 -16.61 10.55
CA GLU A 181 24.29 -15.37 9.81
C GLU A 181 24.16 -14.13 10.68
N PHE A 182 23.40 -14.23 11.77
CA PHE A 182 23.02 -13.09 12.58
C PHE A 182 23.49 -13.13 14.03
N LYS A 183 24.14 -14.23 14.44
CA LYS A 183 24.51 -14.46 15.85
C LYS A 183 23.31 -14.29 16.78
N ALA A 184 22.16 -14.77 16.33
CA ALA A 184 20.94 -14.65 17.12
C ALA A 184 20.92 -15.66 18.28
N SER A 185 20.27 -15.29 19.36
CA SER A 185 20.07 -16.14 20.53
C SER A 185 18.67 -16.78 20.62
N ALA A 186 17.68 -16.12 20.01
CA ALA A 186 16.32 -16.59 20.04
C ALA A 186 15.62 -16.18 18.75
N VAL A 187 14.51 -16.87 18.48
CA VAL A 187 13.75 -16.65 17.26
C VAL A 187 12.27 -16.48 17.59
N GLU A 188 11.62 -15.56 16.89
CA GLU A 188 10.20 -15.32 17.06
C GLU A 188 9.67 -14.65 15.77
N MET A 189 8.47 -14.06 15.79
CA MET A 189 7.85 -13.62 14.54
C MET A 189 7.36 -12.16 14.56
N GLU A 190 7.79 -11.40 15.57
CA GLU A 190 7.23 -10.05 15.80
C GLU A 190 8.21 -9.01 16.36
N GLY A 191 9.26 -9.43 17.06
CA GLY A 191 10.06 -8.47 17.79
C GLY A 191 10.68 -7.41 16.89
N ALA A 192 11.25 -7.87 15.77
CA ALA A 192 11.96 -6.95 14.89
C ALA A 192 11.02 -5.92 14.31
N SER A 193 9.79 -6.34 13.95
CA SER A 193 8.82 -5.41 13.40
C SER A 193 8.36 -4.40 14.45
N VAL A 194 8.13 -4.85 15.68
CA VAL A 194 7.72 -3.93 16.76
C VAL A 194 8.85 -2.90 17.02
N ALA A 195 10.07 -3.42 17.17
CA ALA A 195 11.21 -2.52 17.42
C ALA A 195 11.48 -1.57 16.25
N PHE A 196 11.28 -2.05 15.04
CA PHE A 196 11.45 -1.24 13.84
C PHE A 196 10.48 -0.05 13.84
N VAL A 197 9.20 -0.32 14.07
CA VAL A 197 8.19 0.74 14.10
C VAL A 197 8.55 1.77 15.17
N CYS A 198 8.88 1.28 16.36
CA CYS A 198 9.29 2.18 17.45
C CYS A 198 10.47 3.06 17.04
N GLN A 199 11.47 2.49 16.40
CA GLN A 199 12.62 3.26 15.91
C GLN A 199 12.18 4.35 14.93
N LYS A 200 11.27 4.02 14.00
CA LYS A 200 10.85 5.01 13.01
C LYS A 200 10.14 6.21 13.63
N PHE A 201 9.43 5.98 14.74
CA PHE A 201 8.67 7.04 15.43
C PHE A 201 9.43 7.65 16.61
N GLY A 202 10.64 7.17 16.88
CA GLY A 202 11.44 7.68 17.99
C GLY A 202 10.90 7.31 19.36
N VAL A 203 10.27 6.15 19.47
CA VAL A 203 9.64 5.68 20.69
C VAL A 203 10.52 4.59 21.33
N PRO A 204 10.92 4.76 22.60
CA PRO A 204 11.70 3.72 23.27
C PRO A 204 10.98 2.38 23.32
N CYS A 205 11.72 1.30 23.06
CA CYS A 205 11.16 -0.04 22.95
C CYS A 205 12.00 -1.04 23.73
N CYS A 206 11.34 -1.95 24.44
CA CYS A 206 12.00 -3.09 25.06
C CYS A 206 11.26 -4.35 24.62
N VAL A 207 11.99 -5.36 24.16
CA VAL A 207 11.41 -6.65 23.76
C VAL A 207 11.88 -7.74 24.72
N LEU A 208 10.93 -8.29 25.47
CA LEU A 208 11.16 -9.37 26.42
C LEU A 208 10.53 -10.66 25.87
N ARG A 209 11.27 -11.77 25.99
CA ARG A 209 10.75 -13.08 25.60
C ARG A 209 11.16 -14.15 26.59
N SER A 210 10.24 -15.07 26.83
CA SER A 210 10.54 -16.27 27.61
C SER A 210 10.51 -17.48 26.67
N ILE A 211 11.48 -18.37 26.84
CA ILE A 211 11.66 -19.49 25.92
C ILE A 211 10.52 -20.53 26.07
N SER A 212 9.90 -20.88 24.93
CA SER A 212 8.85 -21.91 24.89
C SER A 212 9.28 -23.23 24.24
N ASP A 213 10.38 -23.22 23.51
CA ASP A 213 10.82 -24.36 22.71
C ASP A 213 12.25 -24.12 22.21
N ASN A 214 12.82 -25.12 21.55
CA ASN A 214 14.19 -25.05 21.05
C ASN A 214 14.30 -24.89 19.52
N ALA A 215 13.20 -24.48 18.87
CA ALA A 215 13.21 -24.13 17.45
C ALA A 215 13.71 -25.28 16.53
N ASP A 216 13.48 -26.51 16.99
CA ASP A 216 13.94 -27.72 16.34
C ASP A 216 12.71 -28.53 15.93
N GLU A 217 12.92 -29.80 15.54
CA GLU A 217 11.86 -30.63 15.01
C GLU A 217 10.71 -30.88 16.02
N LYS A 218 10.99 -30.76 17.31
CA LYS A 218 9.98 -30.90 18.37
C LYS A 218 9.34 -29.58 18.82
N ALA A 219 9.65 -28.48 18.13
CA ALA A 219 9.24 -27.17 18.65
C ALA A 219 7.73 -26.96 18.73
N GLY A 220 6.99 -27.52 17.79
CA GLY A 220 5.54 -27.36 17.80
C GLY A 220 4.95 -27.94 19.08
N MET A 221 5.40 -29.13 19.44
CA MET A 221 4.90 -29.80 20.63
C MET A 221 5.35 -29.10 21.92
N SER A 222 6.60 -28.68 21.96
CA SER A 222 7.12 -27.92 23.08
C SER A 222 6.36 -26.60 23.27
N PHE A 223 6.17 -25.88 22.17
CA PHE A 223 5.43 -24.63 22.18
C PHE A 223 4.02 -24.83 22.77
N ASP A 224 3.29 -25.85 22.31
CA ASP A 224 1.93 -26.08 22.80
C ASP A 224 1.92 -26.38 24.31
N GLU A 225 2.94 -27.10 24.77
CA GLU A 225 3.09 -27.44 26.19
C GLU A 225 3.43 -26.23 27.08
N PHE A 226 4.33 -25.37 26.62
CA PHE A 226 4.93 -24.34 27.46
C PHE A 226 4.47 -22.91 27.20
N LEU A 227 3.63 -22.69 26.19
CA LEU A 227 3.15 -21.34 25.88
C LEU A 227 2.59 -20.63 27.12
N GLU A 228 1.70 -21.29 27.85
CA GLU A 228 1.05 -20.67 29.00
C GLU A 228 2.05 -20.26 30.08
N LYS A 229 2.93 -21.18 30.44
CA LYS A 229 3.89 -20.94 31.54
C LYS A 229 4.90 -19.86 31.13
N SER A 230 5.46 -20.01 29.93
CA SER A 230 6.44 -19.04 29.43
C SER A 230 5.82 -17.66 29.25
N ALA A 231 4.61 -17.59 28.72
CA ALA A 231 3.92 -16.30 28.62
C ALA A 231 3.72 -15.62 29.98
N HIS A 232 3.39 -16.40 31.00
CA HIS A 232 3.22 -15.86 32.35
C HIS A 232 4.56 -15.34 32.92
N THR A 233 5.63 -16.09 32.69
CA THR A 233 6.97 -15.69 33.13
C THR A 233 7.36 -14.32 32.55
N SER A 234 7.14 -14.15 31.25
CA SER A 234 7.45 -12.89 30.61
C SER A 234 6.53 -11.79 31.11
N ALA A 235 5.24 -12.08 31.25
CA ALA A 235 4.27 -11.08 31.70
C ALA A 235 4.59 -10.55 33.09
N LYS A 236 4.96 -11.46 33.97
CA LYS A 236 5.31 -11.10 35.35
C LYS A 236 6.52 -10.16 35.36
N PHE A 237 7.52 -10.47 34.53
CA PHE A 237 8.68 -9.61 34.42
C PHE A 237 8.33 -8.24 33.83
N LEU A 238 7.50 -8.23 32.78
CA LEU A 238 7.05 -6.98 32.21
C LEU A 238 6.35 -6.11 33.25
N LYS A 239 5.46 -6.70 34.05
CA LYS A 239 4.81 -5.94 35.12
C LYS A 239 5.85 -5.31 36.08
N SER A 240 6.87 -6.08 36.45
CA SER A 240 7.91 -5.56 37.34
C SER A 240 8.64 -4.37 36.72
N MET A 241 8.79 -4.36 35.39
CA MET A 241 9.36 -3.19 34.71
C MET A 241 8.44 -1.98 34.79
N VAL A 242 7.16 -2.18 34.52
CA VAL A 242 6.21 -1.07 34.57
C VAL A 242 6.17 -0.46 35.98
N ASP A 243 6.32 -1.30 37.00
CA ASP A 243 6.39 -0.83 38.40
C ASP A 243 7.52 0.17 38.67
N GLU A 244 8.58 0.13 37.86
CA GLU A 244 9.72 1.04 37.97
C GLU A 244 9.66 2.29 37.09
N LEU A 245 8.64 2.39 36.23
CA LEU A 245 8.58 3.52 35.27
C LEU A 245 7.93 4.75 35.91
N VAL B 16 -15.01 16.30 1.47
CA VAL B 16 -13.93 16.20 0.49
C VAL B 16 -13.38 14.77 0.43
N GLN B 17 -13.00 14.32 -0.75
CA GLN B 17 -12.43 12.98 -0.92
C GLN B 17 -10.92 13.02 -0.67
N LYS B 18 -10.42 12.10 0.16
CA LYS B 18 -8.98 11.99 0.43
C LYS B 18 -8.48 10.62 -0.08
N ILE B 19 -7.54 10.66 -1.00
CA ILE B 19 -7.04 9.46 -1.69
C ILE B 19 -5.57 9.26 -1.35
N GLY B 20 -5.23 8.07 -0.84
CA GLY B 20 -3.85 7.70 -0.57
C GLY B 20 -3.30 7.01 -1.79
N ILE B 21 -2.09 7.40 -2.20
CA ILE B 21 -1.41 6.83 -3.35
C ILE B 21 -0.03 6.37 -2.88
N LEU B 22 0.26 5.08 -3.05
CA LEU B 22 1.48 4.49 -2.52
C LEU B 22 2.30 3.81 -3.61
N GLY B 23 3.61 4.00 -3.53
CA GLY B 23 4.56 3.11 -4.13
C GLY B 23 5.49 2.56 -3.06
N ALA B 24 6.35 1.63 -3.43
CA ALA B 24 7.36 1.10 -2.49
C ALA B 24 8.66 1.89 -2.54
N MET B 25 9.09 2.26 -3.75
CA MET B 25 10.38 2.91 -3.98
C MET B 25 10.16 4.34 -4.46
N ARG B 26 11.15 5.21 -4.22
CA ARG B 26 11.09 6.58 -4.75
C ARG B 26 10.81 6.59 -6.24
N GLU B 27 11.46 5.69 -6.97
CA GLU B 27 11.31 5.61 -8.42
C GLU B 27 9.87 5.30 -8.85
N GLU B 28 9.08 4.66 -8.00
CA GLU B 28 7.68 4.38 -8.33
C GLU B 28 6.77 5.57 -8.12
N ILE B 29 7.16 6.52 -7.28
CA ILE B 29 6.34 7.72 -7.07
C ILE B 29 6.82 8.95 -7.85
N THR B 30 8.07 8.97 -8.27
CA THR B 30 8.58 10.08 -9.13
C THR B 30 7.62 10.39 -10.30
N PRO B 31 7.25 9.37 -11.11
CA PRO B 31 6.31 9.66 -12.20
C PRO B 31 4.89 10.03 -11.74
N ILE B 32 4.47 9.56 -10.57
CA ILE B 32 3.17 9.93 -10.03
C ILE B 32 3.15 11.43 -9.72
N LEU B 33 4.16 11.89 -8.98
CA LEU B 33 4.24 13.32 -8.63
C LEU B 33 4.29 14.19 -9.90
N GLU B 34 5.09 13.77 -10.87
CA GLU B 34 5.24 14.52 -12.13
C GLU B 34 3.94 14.55 -12.91
N LEU B 35 3.27 13.41 -13.04
CA LEU B 35 2.07 13.32 -13.86
C LEU B 35 0.90 14.12 -13.31
N PHE B 36 0.74 14.13 -11.98
CA PHE B 36 -0.33 14.93 -11.38
C PHE B 36 -0.07 16.43 -11.54
N GLY B 37 1.20 16.83 -11.55
CA GLY B 37 1.60 18.19 -11.93
C GLY B 37 1.10 19.30 -11.03
N VAL B 38 0.78 18.98 -9.78
CA VAL B 38 0.31 19.97 -8.82
C VAL B 38 1.39 20.19 -7.76
N ASP B 39 1.22 21.24 -6.96
CA ASP B 39 2.15 21.53 -5.87
C ASP B 39 1.82 20.64 -4.68
N PHE B 40 2.85 20.03 -4.10
CA PHE B 40 2.71 19.18 -2.94
C PHE B 40 3.41 19.77 -1.73
N GLU B 41 2.77 19.72 -0.58
CA GLU B 41 3.39 19.97 0.72
C GLU B 41 4.04 18.65 1.19
N GLU B 42 5.29 18.71 1.63
CA GLU B 42 5.99 17.53 2.15
C GLU B 42 5.84 17.45 3.67
N ILE B 43 5.30 16.34 4.16
CA ILE B 43 5.00 16.17 5.59
C ILE B 43 5.72 14.90 6.10
N PRO B 44 6.73 15.05 6.96
CA PRO B 44 7.41 13.87 7.50
C PRO B 44 6.65 13.22 8.66
N LEU B 45 6.60 11.90 8.69
CA LEU B 45 5.97 11.17 9.78
C LEU B 45 6.43 9.71 9.71
N GLY B 46 6.91 9.19 10.84
CA GLY B 46 7.26 7.77 10.95
C GLY B 46 8.29 7.28 9.96
N GLY B 47 9.23 8.14 9.57
CA GLY B 47 10.27 7.80 8.63
C GLY B 47 9.86 7.84 7.17
N ASN B 48 8.65 8.32 6.89
CA ASN B 48 8.19 8.54 5.53
C ASN B 48 7.99 10.02 5.29
N VAL B 49 7.99 10.41 4.02
CA VAL B 49 7.60 11.76 3.62
C VAL B 49 6.31 11.64 2.80
N PHE B 50 5.27 12.30 3.27
CA PHE B 50 3.97 12.31 2.59
C PHE B 50 3.84 13.59 1.78
N HIS B 51 3.45 13.45 0.52
CA HIS B 51 3.30 14.57 -0.41
C HIS B 51 1.82 14.84 -0.54
N LYS B 52 1.36 15.97 0.00
CA LYS B 52 -0.06 16.28 0.08
C LYS B 52 -0.42 17.42 -0.86
N GLY B 53 -1.40 17.18 -1.71
CA GLY B 53 -1.85 18.19 -2.67
C GLY B 53 -3.32 18.07 -2.97
N VAL B 54 -3.81 18.99 -3.80
CA VAL B 54 -5.21 18.99 -4.23
C VAL B 54 -5.25 18.85 -5.73
N TYR B 55 -6.14 18.00 -6.20
CA TYR B 55 -6.27 17.67 -7.62
C TYR B 55 -7.75 17.39 -7.92
N HIS B 56 -8.38 18.21 -8.76
CA HIS B 56 -9.78 18.03 -9.16
C HIS B 56 -10.73 17.81 -7.97
N ASN B 57 -10.69 18.70 -6.97
CA ASN B 57 -11.54 18.60 -5.76
C ASN B 57 -11.22 17.40 -4.84
N LYS B 58 -10.08 16.74 -5.05
CA LYS B 58 -9.68 15.62 -4.21
C LYS B 58 -8.36 15.96 -3.56
N GLU B 59 -8.24 15.59 -2.29
CA GLU B 59 -6.96 15.64 -1.61
C GLU B 59 -6.22 14.36 -1.98
N ILE B 60 -5.00 14.50 -2.51
CA ILE B 60 -4.16 13.31 -2.79
C ILE B 60 -2.95 13.33 -1.86
N ILE B 61 -2.66 12.16 -1.26
CA ILE B 61 -1.52 12.01 -0.37
C ILE B 61 -0.64 10.91 -0.97
N VAL B 62 0.53 11.28 -1.45
CA VAL B 62 1.44 10.37 -2.15
C VAL B 62 2.65 10.08 -1.28
N ALA B 63 3.03 8.79 -1.19
CA ALA B 63 4.28 8.45 -0.48
C ALA B 63 4.85 7.16 -1.01
N TYR B 64 6.16 7.00 -0.90
CA TYR B 64 6.76 5.67 -1.08
C TYR B 64 7.07 5.12 0.31
N SER B 65 6.78 3.83 0.50
CA SER B 65 6.89 3.24 1.82
C SER B 65 8.31 2.87 2.24
N LYS B 66 9.16 2.62 1.25
CA LYS B 66 10.39 1.84 1.32
C LYS B 66 10.03 0.35 1.16
N ILE B 67 11.05 -0.44 0.86
CA ILE B 67 10.86 -1.80 0.32
C ILE B 67 10.36 -2.78 1.40
N GLY B 68 9.43 -3.64 1.02
CA GLY B 68 9.09 -4.83 1.81
C GLY B 68 7.86 -4.71 2.68
N LYS B 69 7.58 -5.79 3.39
CA LYS B 69 6.28 -5.92 4.07
C LYS B 69 6.13 -5.03 5.30
N VAL B 70 7.15 -4.94 6.14
CA VAL B 70 7.08 -4.09 7.32
C VAL B 70 6.98 -2.60 6.93
N HIS B 71 7.86 -2.14 6.05
CA HIS B 71 7.80 -0.76 5.57
C HIS B 71 6.39 -0.42 5.06
N SER B 72 5.88 -1.26 4.16
CA SER B 72 4.60 -0.96 3.51
C SER B 72 3.41 -1.04 4.46
N THR B 73 3.47 -1.95 5.42
CA THR B 73 2.45 -2.03 6.47
C THR B 73 2.41 -0.73 7.29
N LEU B 74 3.59 -0.29 7.72
CA LEU B 74 3.70 0.95 8.51
C LEU B 74 3.09 2.13 7.75
N THR B 75 3.56 2.33 6.53
CA THR B 75 3.17 3.50 5.75
C THR B 75 1.67 3.51 5.45
N THR B 76 1.11 2.35 5.14
CA THR B 76 -0.33 2.28 4.87
C THR B 76 -1.13 2.62 6.14
N THR B 77 -0.67 2.12 7.29
CA THR B 77 -1.32 2.42 8.54
C THR B 77 -1.24 3.93 8.85
N SER B 78 -0.09 4.53 8.61
CA SER B 78 0.07 5.98 8.78
C SER B 78 -0.85 6.78 7.85
N MET B 79 -0.93 6.36 6.60
CA MET B 79 -1.86 7.02 5.66
C MET B 79 -3.27 7.06 6.16
N ILE B 80 -3.73 5.93 6.68
CA ILE B 80 -5.10 5.80 7.16
C ILE B 80 -5.30 6.59 8.45
N LEU B 81 -4.44 6.36 9.44
CA LEU B 81 -4.64 6.95 10.77
C LEU B 81 -4.29 8.43 10.84
N ALA B 82 -3.19 8.84 10.21
CA ALA B 82 -2.73 10.22 10.30
C ALA B 82 -3.36 11.12 9.25
N PHE B 83 -3.62 10.61 8.05
CA PHE B 83 -4.12 11.43 6.94
C PHE B 83 -5.59 11.19 6.57
N GLY B 84 -6.24 10.21 7.19
CA GLY B 84 -7.66 9.98 7.00
C GLY B 84 -8.07 9.58 5.59
N VAL B 85 -7.18 8.91 4.85
CA VAL B 85 -7.52 8.53 3.48
C VAL B 85 -8.73 7.59 3.46
N GLN B 86 -9.58 7.77 2.45
CA GLN B 86 -10.77 6.95 2.29
C GLN B 86 -10.60 5.83 1.27
N LYS B 87 -9.57 5.95 0.43
CA LYS B 87 -9.18 4.88 -0.52
C LYS B 87 -7.67 4.87 -0.60
N VAL B 88 -7.10 3.70 -0.93
CA VAL B 88 -5.66 3.58 -1.16
C VAL B 88 -5.44 2.90 -2.50
N LEU B 89 -4.65 3.56 -3.35
CA LEU B 89 -4.29 3.01 -4.65
C LEU B 89 -2.77 2.83 -4.63
N PHE B 90 -2.33 1.60 -4.92
CA PHE B 90 -0.90 1.30 -5.00
C PHE B 90 -0.47 1.23 -6.45
N SER B 91 0.68 1.82 -6.77
CA SER B 91 1.30 1.77 -8.09
C SER B 91 2.76 1.42 -7.98
N GLY B 92 3.22 0.47 -8.80
CA GLY B 92 4.61 0.10 -8.82
C GLY B 92 4.88 -1.02 -9.81
N VAL B 93 6.03 -1.66 -9.64
CA VAL B 93 6.46 -2.69 -10.58
C VAL B 93 6.42 -4.07 -9.93
N ALA B 94 6.50 -5.11 -10.75
CA ALA B 94 6.42 -6.48 -10.24
C ALA B 94 7.12 -7.46 -11.17
N GLY B 95 7.44 -8.64 -10.64
CA GLY B 95 7.97 -9.73 -11.44
C GLY B 95 6.84 -10.57 -11.98
N SER B 96 6.92 -10.92 -13.27
CA SER B 96 5.94 -11.80 -13.89
C SER B 96 6.23 -13.26 -13.57
N LEU B 97 5.17 -14.00 -13.25
CA LEU B 97 5.24 -15.44 -13.02
C LEU B 97 4.63 -16.26 -14.16
N VAL B 98 4.02 -15.59 -15.13
CA VAL B 98 3.26 -16.27 -16.19
C VAL B 98 3.67 -15.74 -17.56
N LYS B 99 3.71 -16.64 -18.55
CA LYS B 99 4.21 -16.31 -19.89
C LYS B 99 3.47 -15.16 -20.57
N ASP B 100 2.18 -15.03 -20.31
CA ASP B 100 1.35 -13.98 -20.92
C ASP B 100 1.47 -12.59 -20.26
N LEU B 101 2.19 -12.48 -19.14
CA LEU B 101 2.53 -11.18 -18.57
C LEU B 101 3.94 -10.84 -18.95
N LYS B 102 4.07 -9.90 -19.88
CA LYS B 102 5.36 -9.47 -20.44
C LYS B 102 5.83 -8.20 -19.78
N ILE B 103 7.10 -7.88 -19.97
CA ILE B 103 7.66 -6.59 -19.52
C ILE B 103 6.76 -5.45 -19.96
N ASN B 104 6.43 -4.57 -19.01
CA ASN B 104 5.58 -3.39 -19.18
C ASN B 104 4.08 -3.64 -19.06
N ASP B 105 3.64 -4.90 -19.12
CA ASP B 105 2.22 -5.20 -18.98
C ASP B 105 1.70 -4.83 -17.59
N LEU B 106 0.43 -4.44 -17.56
CA LEU B 106 -0.26 -4.06 -16.34
C LEU B 106 -1.11 -5.19 -15.81
N LEU B 107 -1.11 -5.33 -14.48
CA LEU B 107 -1.91 -6.30 -13.75
C LEU B 107 -2.59 -5.55 -12.60
N VAL B 108 -3.87 -5.82 -12.37
CA VAL B 108 -4.55 -5.41 -11.17
C VAL B 108 -4.72 -6.65 -10.29
N ALA B 109 -4.40 -6.56 -8.99
CA ALA B 109 -4.48 -7.72 -8.10
C ALA B 109 -5.90 -7.96 -7.65
N THR B 110 -6.43 -9.13 -7.92
CA THR B 110 -7.75 -9.52 -7.43
C THR B 110 -7.65 -9.94 -5.97
N GLN B 111 -6.70 -10.82 -5.68
CA GLN B 111 -6.38 -11.18 -4.32
C GLN B 111 -4.86 -11.20 -4.17
N LEU B 112 -4.42 -11.11 -2.93
CA LEU B 112 -3.01 -11.15 -2.63
C LEU B 112 -2.72 -12.11 -1.49
N VAL B 113 -1.49 -12.63 -1.48
CA VAL B 113 -1.04 -13.57 -0.49
C VAL B 113 0.34 -13.19 0.00
N GLN B 114 0.62 -13.48 1.27
CA GLN B 114 1.97 -13.38 1.80
C GLN B 114 2.64 -14.75 1.59
N HIS B 115 3.41 -14.85 0.52
CA HIS B 115 3.89 -16.15 0.05
C HIS B 115 4.95 -16.80 0.93
N ASP B 116 5.56 -16.00 1.80
CA ASP B 116 6.65 -16.46 2.65
C ASP B 116 6.23 -16.84 4.06
N VAL B 117 4.92 -16.76 4.35
CA VAL B 117 4.38 -17.14 5.65
C VAL B 117 4.35 -18.66 5.75
N ASP B 118 4.92 -19.21 6.82
CA ASP B 118 5.01 -20.66 6.98
C ASP B 118 4.79 -21.07 8.44
N LEU B 119 3.55 -21.47 8.71
CA LEU B 119 3.17 -22.07 10.00
C LEU B 119 2.78 -23.54 9.79
N SER B 120 3.44 -24.18 8.83
CA SER B 120 3.20 -25.60 8.51
C SER B 120 3.54 -26.53 9.66
N ALA B 121 4.38 -26.11 10.60
CA ALA B 121 4.65 -26.92 11.81
C ALA B 121 3.40 -27.20 12.63
N PHE B 122 2.38 -26.34 12.49
CA PHE B 122 1.07 -26.53 13.15
C PHE B 122 -0.01 -26.98 12.17
N ASP B 123 0.41 -27.53 11.03
CA ASP B 123 -0.48 -28.01 9.98
C ASP B 123 -1.33 -26.95 9.29
N HIS B 124 -0.89 -25.68 9.35
CA HIS B 124 -1.56 -24.64 8.61
C HIS B 124 -1.05 -24.65 7.18
N PRO B 125 -1.95 -24.39 6.21
CA PRO B 125 -1.47 -24.21 4.86
C PRO B 125 -0.47 -23.04 4.77
N LEU B 126 0.44 -23.13 3.82
CA LEU B 126 1.37 -22.05 3.57
C LEU B 126 0.58 -20.78 3.22
N GLY B 127 1.07 -19.64 3.73
CA GLY B 127 0.39 -18.36 3.57
C GLY B 127 -0.61 -18.00 4.64
N PHE B 128 -1.03 -18.98 5.44
CA PHE B 128 -2.08 -18.78 6.43
C PHE B 128 -1.55 -18.40 7.81
N ILE B 129 -2.20 -17.39 8.40
CA ILE B 129 -1.98 -17.04 9.80
C ILE B 129 -3.33 -17.11 10.52
N PRO B 130 -3.37 -17.74 11.70
CA PRO B 130 -4.59 -17.69 12.50
C PRO B 130 -5.17 -16.30 12.68
N GLU B 131 -6.50 -16.21 12.65
CA GLU B 131 -7.24 -14.94 12.73
C GLU B 131 -7.07 -14.07 11.49
N SER B 132 -6.58 -14.67 10.40
CA SER B 132 -6.52 -14.02 9.10
C SER B 132 -6.96 -15.03 8.02
N ALA B 133 -6.42 -14.87 6.80
CA ALA B 133 -6.72 -15.75 5.68
C ALA B 133 -5.51 -15.82 4.75
N ILE B 134 -5.42 -16.84 3.92
CA ILE B 134 -4.36 -16.92 2.93
C ILE B 134 -4.48 -15.74 1.95
N PHE B 135 -5.67 -15.55 1.40
CA PHE B 135 -5.91 -14.56 0.36
C PHE B 135 -6.62 -13.35 0.94
N ILE B 136 -6.09 -12.18 0.58
CA ILE B 136 -6.64 -10.89 0.97
C ILE B 136 -7.29 -10.29 -0.27
N GLU B 137 -8.52 -9.83 -0.13
CA GLU B 137 -9.27 -9.24 -1.23
C GLU B 137 -9.01 -7.73 -1.31
N THR B 138 -9.11 -7.25 -2.53
CA THR B 138 -9.08 -5.83 -2.87
C THR B 138 -10.49 -5.41 -3.28
N SER B 139 -10.64 -4.15 -3.65
CA SER B 139 -11.94 -3.55 -3.90
C SER B 139 -12.52 -3.97 -5.25
N GLY B 140 -13.68 -4.63 -5.23
CA GLY B 140 -14.37 -4.99 -6.47
C GLY B 140 -14.77 -3.79 -7.32
N SER B 141 -15.27 -2.74 -6.66
CA SER B 141 -15.64 -1.54 -7.37
C SER B 141 -14.47 -0.87 -8.07
N LEU B 142 -13.32 -0.78 -7.38
CA LEU B 142 -12.14 -0.18 -7.99
C LEU B 142 -11.56 -1.07 -9.08
N ASN B 143 -11.54 -2.39 -8.88
CA ASN B 143 -11.01 -3.28 -9.89
C ASN B 143 -11.91 -3.23 -11.15
N ALA B 144 -13.21 -3.15 -10.95
CA ALA B 144 -14.15 -2.98 -12.07
C ALA B 144 -13.89 -1.68 -12.84
N LEU B 145 -13.61 -0.61 -12.10
CA LEU B 145 -13.26 0.66 -12.72
C LEU B 145 -12.00 0.55 -13.56
N ALA B 146 -10.96 -0.11 -13.01
CA ALA B 146 -9.71 -0.30 -13.75
C ALA B 146 -9.96 -1.03 -15.07
N LYS B 147 -10.74 -2.10 -15.01
CA LYS B 147 -11.02 -2.89 -16.20
C LYS B 147 -11.77 -2.09 -17.27
N LYS B 148 -12.72 -1.29 -16.81
CA LYS B 148 -13.52 -0.44 -17.70
C LYS B 148 -12.63 0.58 -18.42
N ILE B 149 -11.80 1.28 -17.65
CA ILE B 149 -10.94 2.29 -18.27
C ILE B 149 -9.87 1.68 -19.16
N ALA B 150 -9.31 0.53 -18.78
CA ALA B 150 -8.37 -0.17 -19.65
C ALA B 150 -8.98 -0.51 -20.99
N ASN B 151 -10.20 -1.00 -20.97
CA ASN B 151 -10.93 -1.32 -22.21
C ASN B 151 -11.13 -0.06 -23.05
N GLU B 152 -11.51 1.05 -22.41
CA GLU B 152 -11.63 2.34 -23.11
C GLU B 152 -10.32 2.83 -23.73
N GLN B 153 -9.21 2.67 -23.00
CA GLN B 153 -7.87 3.08 -23.45
C GLN B 153 -7.25 2.10 -24.46
N HIS B 154 -7.86 0.94 -24.67
CA HIS B 154 -7.28 -0.14 -25.48
C HIS B 154 -5.92 -0.56 -24.96
N ILE B 155 -5.82 -0.69 -23.64
CA ILE B 155 -4.62 -1.28 -23.04
C ILE B 155 -5.00 -2.58 -22.39
N ALA B 156 -4.12 -3.57 -22.53
CA ALA B 156 -4.35 -4.85 -21.92
C ALA B 156 -4.14 -4.65 -20.43
N LEU B 157 -5.11 -5.09 -19.67
CA LEU B 157 -5.01 -5.11 -18.24
C LEU B 157 -5.39 -6.51 -17.86
N LYS B 158 -4.45 -7.21 -17.20
CA LYS B 158 -4.74 -8.52 -16.68
C LYS B 158 -5.17 -8.35 -15.23
N GLU B 159 -5.88 -9.35 -14.74
CA GLU B 159 -6.19 -9.43 -13.33
C GLU B 159 -5.75 -10.79 -12.83
N GLY B 160 -5.35 -10.81 -11.57
CA GLY B 160 -4.93 -12.09 -11.01
C GLY B 160 -4.40 -11.92 -9.62
N VAL B 161 -3.89 -13.01 -9.11
CA VAL B 161 -3.34 -13.10 -7.77
C VAL B 161 -1.91 -12.56 -7.78
N ILE B 162 -1.61 -11.70 -6.79
CA ILE B 162 -0.23 -11.25 -6.58
C ILE B 162 0.29 -11.84 -5.29
N ALA B 163 1.49 -12.39 -5.36
CA ALA B 163 2.20 -12.93 -4.20
C ALA B 163 3.20 -11.90 -3.69
N SER B 164 3.19 -11.63 -2.39
CA SER B 164 4.12 -10.69 -1.76
C SER B 164 4.92 -11.37 -0.68
N GLY B 165 6.21 -11.07 -0.62
CA GLY B 165 7.09 -11.59 0.41
C GLY B 165 8.28 -10.68 0.59
N ASP B 166 9.14 -11.01 1.55
CA ASP B 166 10.31 -10.17 1.85
C ASP B 166 11.60 -10.67 1.17
N GLN B 167 11.43 -11.33 0.02
CA GLN B 167 12.55 -11.73 -0.83
C GLN B 167 12.34 -11.24 -2.26
N PHE B 168 13.39 -10.80 -2.92
CA PHE B 168 13.36 -10.57 -4.36
C PHE B 168 13.52 -11.92 -5.00
N VAL B 169 12.53 -12.32 -5.80
CA VAL B 169 12.49 -13.66 -6.39
C VAL B 169 13.25 -13.65 -7.71
N HIS B 170 14.19 -14.57 -7.85
CA HIS B 170 15.07 -14.60 -9.02
C HIS B 170 15.54 -16.02 -9.29
N SER B 171 14.57 -16.93 -9.25
CA SER B 171 14.86 -18.33 -9.54
C SER B 171 13.65 -19.03 -10.10
N LYS B 172 13.91 -19.95 -11.02
CA LYS B 172 12.88 -20.82 -11.57
C LYS B 172 12.13 -21.55 -10.47
N GLU B 173 12.87 -22.09 -9.50
CA GLU B 173 12.28 -22.93 -8.47
C GLU B 173 11.24 -22.13 -7.65
N ARG B 174 11.61 -20.91 -7.26
CA ARG B 174 10.70 -20.12 -6.43
C ARG B 174 9.50 -19.61 -7.25
N LYS B 175 9.75 -19.16 -8.48
CA LYS B 175 8.65 -18.76 -9.37
C LYS B 175 7.60 -19.83 -9.47
N GLU B 176 8.08 -21.05 -9.75
CA GLU B 176 7.18 -22.16 -9.99
C GLU B 176 6.42 -22.56 -8.73
N PHE B 177 7.04 -22.43 -7.56
CA PHE B 177 6.34 -22.60 -6.28
C PHE B 177 5.19 -21.62 -6.13
N LEU B 178 5.42 -20.35 -6.47
CA LEU B 178 4.37 -19.33 -6.30
C LEU B 178 3.17 -19.62 -7.19
N VAL B 179 3.44 -20.12 -8.39
CA VAL B 179 2.37 -20.50 -9.31
C VAL B 179 1.65 -21.77 -8.80
N SER B 180 2.42 -22.78 -8.42
N SER B 180 2.42 -22.78 -8.42
CA SER B 180 1.80 -24.04 -7.99
CA SER B 180 1.81 -24.05 -7.99
C SER B 180 1.06 -23.92 -6.66
C SER B 180 1.06 -23.92 -6.66
N GLU B 181 1.62 -23.19 -5.71
CA GLU B 181 1.01 -23.08 -4.38
C GLU B 181 -0.16 -22.10 -4.30
N PHE B 182 -0.02 -20.94 -4.93
CA PHE B 182 -0.96 -19.85 -4.78
C PHE B 182 -1.67 -19.43 -6.07
N LYS B 183 -1.32 -20.04 -7.20
CA LYS B 183 -1.83 -19.63 -8.52
C LYS B 183 -1.59 -18.13 -8.78
N ALA B 184 -0.44 -17.65 -8.32
CA ALA B 184 -0.09 -16.25 -8.48
C ALA B 184 0.33 -15.94 -9.92
N SER B 185 0.06 -14.72 -10.35
CA SER B 185 0.48 -14.20 -11.66
C SER B 185 1.71 -13.31 -11.62
N ALA B 186 1.93 -12.66 -10.48
CA ALA B 186 3.05 -11.73 -10.33
C ALA B 186 3.52 -11.76 -8.90
N VAL B 187 4.75 -11.29 -8.71
CA VAL B 187 5.39 -11.30 -7.41
C VAL B 187 5.98 -9.92 -7.10
N GLU B 188 5.84 -9.51 -5.84
CA GLU B 188 6.39 -8.23 -5.39
C GLU B 188 6.56 -8.32 -3.86
N MET B 189 6.77 -7.20 -3.17
CA MET B 189 7.16 -7.26 -1.77
C MET B 189 6.30 -6.39 -0.84
N GLU B 190 5.15 -5.92 -1.33
CA GLU B 190 4.35 -4.92 -0.61
C GLU B 190 2.83 -5.03 -0.79
N GLY B 191 2.35 -5.60 -1.88
CA GLY B 191 0.94 -5.51 -2.18
C GLY B 191 0.07 -6.14 -1.09
N ALA B 192 0.44 -7.33 -0.67
CA ALA B 192 -0.35 -8.05 0.29
C ALA B 192 -0.45 -7.31 1.61
N SER B 193 0.66 -6.71 2.04
N SER B 193 0.66 -6.71 2.04
CA SER B 193 0.67 -5.95 3.28
CA SER B 193 0.66 -5.94 3.29
C SER B 193 -0.18 -4.69 3.18
C SER B 193 -0.19 -4.69 3.17
N VAL B 194 -0.11 -3.98 2.04
CA VAL B 194 -0.93 -2.78 1.83
C VAL B 194 -2.42 -3.18 1.84
N ALA B 195 -2.76 -4.19 1.05
CA ALA B 195 -4.16 -4.64 0.99
C ALA B 195 -4.68 -5.18 2.32
N PHE B 196 -3.80 -5.84 3.07
CA PHE B 196 -4.14 -6.35 4.39
C PHE B 196 -4.52 -5.22 5.34
N VAL B 197 -3.68 -4.20 5.42
CA VAL B 197 -3.94 -3.06 6.29
C VAL B 197 -5.27 -2.39 5.90
N CYS B 198 -5.45 -2.17 4.60
CA CYS B 198 -6.71 -1.58 4.12
C CYS B 198 -7.92 -2.40 4.54
N GLN B 199 -7.83 -3.73 4.42
CA GLN B 199 -8.91 -4.62 4.85
C GLN B 199 -9.20 -4.43 6.35
N LYS B 200 -8.15 -4.36 7.18
CA LYS B 200 -8.36 -4.26 8.62
C LYS B 200 -9.08 -2.96 9.01
N PHE B 201 -8.85 -1.88 8.25
CA PHE B 201 -9.46 -0.58 8.52
C PHE B 201 -10.72 -0.28 7.71
N GLY B 202 -11.11 -1.23 6.86
CA GLY B 202 -12.30 -1.06 6.03
C GLY B 202 -12.14 -0.01 4.94
N VAL B 203 -10.93 0.13 4.42
CA VAL B 203 -10.59 1.14 3.42
C VAL B 203 -10.46 0.45 2.06
N PRO B 204 -11.22 0.91 1.03
CA PRO B 204 -11.06 0.31 -0.29
C PRO B 204 -9.63 0.43 -0.84
N CYS B 205 -9.15 -0.65 -1.46
CA CYS B 205 -7.78 -0.74 -1.93
C CYS B 205 -7.73 -1.30 -3.35
N CYS B 206 -6.90 -0.70 -4.18
CA CYS B 206 -6.58 -1.26 -5.49
C CYS B 206 -5.08 -1.34 -5.63
N VAL B 207 -4.56 -2.49 -6.04
CA VAL B 207 -3.11 -2.69 -6.26
C VAL B 207 -2.83 -2.88 -7.75
N LEU B 208 -2.10 -1.93 -8.32
CA LEU B 208 -1.70 -1.96 -9.72
C LEU B 208 -0.20 -2.18 -9.81
N ARG B 209 0.22 -3.04 -10.74
CA ARG B 209 1.64 -3.29 -10.98
C ARG B 209 1.91 -3.41 -12.47
N SER B 210 3.07 -2.89 -12.89
CA SER B 210 3.57 -3.10 -14.23
C SER B 210 4.81 -3.99 -14.16
N ILE B 211 4.91 -4.93 -15.06
CA ILE B 211 5.97 -5.93 -15.03
C ILE B 211 7.34 -5.32 -15.37
N SER B 212 8.32 -5.56 -14.49
CA SER B 212 9.71 -5.11 -14.70
C SER B 212 10.69 -6.22 -15.05
N ASP B 213 10.31 -7.47 -14.81
CA ASP B 213 11.20 -8.61 -14.94
C ASP B 213 10.38 -9.90 -14.86
N ASN B 214 11.06 -11.03 -15.09
CA ASN B 214 10.41 -12.33 -15.09
C ASN B 214 10.74 -13.19 -13.87
N ALA B 215 11.23 -12.57 -12.80
CA ALA B 215 11.40 -13.24 -11.49
C ALA B 215 12.31 -14.48 -11.56
N ASP B 216 13.23 -14.46 -12.51
CA ASP B 216 14.12 -15.58 -12.81
C ASP B 216 15.56 -15.12 -12.56
N GLU B 217 16.53 -15.91 -13.02
CA GLU B 217 17.93 -15.64 -12.73
C GLU B 217 18.43 -14.29 -13.31
N LYS B 218 17.76 -13.77 -14.33
CA LYS B 218 18.09 -12.47 -14.92
C LYS B 218 17.27 -11.30 -14.35
N ALA B 219 16.48 -11.55 -13.30
CA ALA B 219 15.52 -10.53 -12.84
C ALA B 219 16.18 -9.25 -12.32
N GLY B 220 17.34 -9.37 -11.69
CA GLY B 220 18.02 -8.20 -11.16
C GLY B 220 18.36 -7.23 -12.29
N MET B 221 18.91 -7.79 -13.37
CA MET B 221 19.32 -6.98 -14.52
C MET B 221 18.11 -6.39 -15.26
N SER B 222 17.07 -7.21 -15.44
CA SER B 222 15.85 -6.75 -16.07
C SER B 222 15.19 -5.62 -15.25
N PHE B 223 15.09 -5.84 -13.95
CA PHE B 223 14.55 -4.84 -13.04
C PHE B 223 15.28 -3.49 -13.18
N ASP B 224 16.61 -3.52 -13.15
CA ASP B 224 17.39 -2.27 -13.24
C ASP B 224 17.14 -1.56 -14.58
N GLU B 225 16.98 -2.34 -15.64
CA GLU B 225 16.73 -1.80 -16.97
C GLU B 225 15.33 -1.17 -17.13
N PHE B 226 14.31 -1.83 -16.57
CA PHE B 226 12.92 -1.49 -16.87
C PHE B 226 12.17 -0.79 -15.75
N LEU B 227 12.78 -0.63 -14.57
CA LEU B 227 12.12 0.05 -13.46
C LEU B 227 11.48 1.37 -13.86
N GLU B 228 12.25 2.24 -14.52
CA GLU B 228 11.74 3.57 -14.88
C GLU B 228 10.51 3.49 -15.79
N LYS B 229 10.62 2.71 -16.85
CA LYS B 229 9.54 2.64 -17.84
C LYS B 229 8.30 1.98 -17.23
N SER B 230 8.50 0.85 -16.56
CA SER B 230 7.39 0.14 -15.93
C SER B 230 6.71 0.96 -14.82
N ALA B 231 7.51 1.65 -14.01
CA ALA B 231 6.94 2.56 -13.01
C ALA B 231 6.07 3.66 -13.63
N HIS B 232 6.52 4.22 -14.75
CA HIS B 232 5.75 5.23 -15.47
C HIS B 232 4.44 4.68 -16.03
N THR B 233 4.49 3.48 -16.58
CA THR B 233 3.30 2.81 -17.11
C THR B 233 2.23 2.65 -16.03
N SER B 234 2.64 2.17 -14.86
CA SER B 234 1.73 2.00 -13.75
C SER B 234 1.21 3.35 -13.26
N ALA B 235 2.11 4.33 -13.14
CA ALA B 235 1.73 5.67 -12.64
C ALA B 235 0.69 6.34 -13.54
N LYS B 236 0.89 6.21 -14.85
CA LYS B 236 -0.02 6.80 -15.84
C LYS B 236 -1.41 6.17 -15.69
N PHE B 237 -1.45 4.85 -15.52
CA PHE B 237 -2.73 4.17 -15.31
C PHE B 237 -3.38 4.57 -13.99
N LEU B 238 -2.60 4.66 -12.92
CA LEU B 238 -3.11 5.13 -11.65
C LEU B 238 -3.72 6.51 -11.77
N LYS B 239 -3.05 7.43 -12.45
CA LYS B 239 -3.62 8.76 -12.66
C LYS B 239 -4.99 8.68 -13.37
N SER B 240 -5.08 7.84 -14.38
CA SER B 240 -6.35 7.68 -15.12
C SER B 240 -7.47 7.17 -14.18
N MET B 241 -7.13 6.34 -13.20
N MET B 241 -7.13 6.34 -13.20
CA MET B 241 -8.10 5.92 -12.19
CA MET B 241 -8.10 5.92 -12.19
C MET B 241 -8.54 7.08 -11.30
C MET B 241 -8.53 7.07 -11.30
N VAL B 242 -7.58 7.86 -10.82
CA VAL B 242 -7.91 9.00 -9.96
C VAL B 242 -8.83 9.98 -10.72
N ASP B 243 -8.61 10.13 -12.02
CA ASP B 243 -9.45 10.99 -12.85
C ASP B 243 -10.94 10.58 -12.87
N GLU B 244 -11.23 9.30 -12.58
CA GLU B 244 -12.59 8.76 -12.52
C GLU B 244 -13.20 8.73 -11.11
N LEU B 245 -12.44 9.05 -10.09
CA LEU B 245 -12.93 8.91 -8.71
C LEU B 245 -13.75 10.13 -8.29
N VAL C 16 35.02 -8.12 -25.21
CA VAL C 16 35.93 -7.04 -24.57
C VAL C 16 35.12 -5.77 -24.33
N GLN C 17 35.22 -5.21 -23.14
CA GLN C 17 34.34 -4.07 -22.77
C GLN C 17 35.06 -2.78 -23.13
N LYS C 18 34.38 -1.88 -23.86
CA LYS C 18 34.96 -0.59 -24.23
C LYS C 18 34.07 0.51 -23.66
N ILE C 19 34.63 1.36 -22.80
CA ILE C 19 33.88 2.39 -22.08
C ILE C 19 34.39 3.77 -22.46
N GLY C 20 33.48 4.64 -22.89
CA GLY C 20 33.79 6.03 -23.18
C GLY C 20 33.55 6.85 -21.92
N ILE C 21 34.47 7.73 -21.60
CA ILE C 21 34.38 8.62 -20.45
C ILE C 21 34.59 10.05 -20.95
N LEU C 22 33.61 10.92 -20.71
CA LEU C 22 33.62 12.29 -21.25
C LEU C 22 33.47 13.33 -20.16
N GLY C 23 34.23 14.40 -20.31
CA GLY C 23 33.93 15.68 -19.65
C GLY C 23 33.83 16.75 -20.71
N ALA C 24 33.44 17.95 -20.32
CA ALA C 24 33.39 19.09 -21.26
C ALA C 24 34.69 19.87 -21.29
N MET C 25 35.29 20.08 -20.12
CA MET C 25 36.49 20.90 -19.96
C MET C 25 37.66 20.05 -19.55
N ARG C 26 38.87 20.51 -19.86
CA ARG C 26 40.10 19.83 -19.41
C ARG C 26 40.07 19.58 -17.89
N GLU C 27 39.63 20.58 -17.14
CA GLU C 27 39.55 20.47 -15.69
C GLU C 27 38.67 19.33 -15.20
N GLU C 28 37.67 18.94 -15.99
CA GLU C 28 36.78 17.84 -15.61
C GLU C 28 37.39 16.47 -15.85
N ILE C 29 38.36 16.36 -16.76
CA ILE C 29 39.00 15.07 -17.02
C ILE C 29 40.37 14.90 -16.38
N THR C 30 41.03 16.00 -16.01
CA THR C 30 42.34 15.89 -15.32
C THR C 30 42.28 14.93 -14.12
N PRO C 31 41.30 15.11 -13.21
CA PRO C 31 41.20 14.15 -12.09
C PRO C 31 40.83 12.72 -12.50
N ILE C 32 40.09 12.56 -13.60
CA ILE C 32 39.76 11.22 -14.10
C ILE C 32 41.04 10.49 -14.52
N LEU C 33 41.84 11.15 -15.35
CA LEU C 33 43.11 10.55 -15.81
C LEU C 33 44.02 10.19 -14.64
N GLU C 34 44.13 11.11 -13.68
CA GLU C 34 44.97 10.91 -12.50
C GLU C 34 44.47 9.74 -11.65
N LEU C 35 43.16 9.69 -11.39
CA LEU C 35 42.59 8.66 -10.53
C LEU C 35 42.71 7.25 -11.10
N PHE C 36 42.56 7.09 -12.40
CA PHE C 36 42.74 5.79 -13.04
C PHE C 36 44.19 5.31 -12.97
N GLY C 37 45.12 6.25 -13.05
CA GLY C 37 46.54 5.97 -12.82
C GLY C 37 47.20 4.97 -13.77
N VAL C 38 46.65 4.82 -14.97
CA VAL C 38 47.21 3.94 -15.98
C VAL C 38 47.79 4.78 -17.10
N ASP C 39 48.59 4.14 -17.96
CA ASP C 39 49.16 4.82 -19.11
C ASP C 39 48.12 4.92 -20.20
N PHE C 40 48.01 6.13 -20.77
CA PHE C 40 47.09 6.38 -21.87
C PHE C 40 47.85 6.74 -23.12
N GLU C 41 47.43 6.17 -24.25
CA GLU C 41 47.86 6.61 -25.57
C GLU C 41 46.97 7.78 -25.98
N GLU C 42 47.58 8.88 -26.45
CA GLU C 42 46.83 10.05 -26.92
C GLU C 42 46.58 9.97 -28.42
N ILE C 43 45.32 10.01 -28.82
CA ILE C 43 44.93 9.84 -30.21
C ILE C 43 44.11 11.06 -30.66
N PRO C 44 44.67 11.87 -31.59
CA PRO C 44 43.93 13.03 -32.07
C PRO C 44 42.92 12.66 -33.15
N LEU C 45 41.72 13.25 -33.09
CA LEU C 45 40.69 13.02 -34.09
C LEU C 45 39.64 14.11 -33.96
N GLY C 46 39.34 14.77 -35.07
CA GLY C 46 38.29 15.77 -35.12
C GLY C 46 38.41 16.91 -34.13
N GLY C 47 39.63 17.31 -33.82
CA GLY C 47 39.90 18.41 -32.90
C GLY C 47 39.85 18.04 -31.43
N ASN C 48 39.70 16.74 -31.14
CA ASN C 48 39.78 16.25 -29.78
C ASN C 48 41.02 15.37 -29.63
N VAL C 49 41.44 15.17 -28.39
CA VAL C 49 42.45 14.19 -28.05
C VAL C 49 41.79 13.13 -27.17
N PHE C 50 41.83 11.89 -27.65
CA PHE C 50 41.28 10.74 -26.94
C PHE C 50 42.41 10.02 -26.20
N HIS C 51 42.18 9.75 -24.92
CA HIS C 51 43.17 9.08 -24.06
C HIS C 51 42.70 7.64 -23.91
N LYS C 52 43.43 6.70 -24.52
CA LYS C 52 43.01 5.32 -24.58
C LYS C 52 43.92 4.45 -23.73
N GLY C 53 43.33 3.68 -22.82
CA GLY C 53 44.09 2.77 -21.96
C GLY C 53 43.29 1.52 -21.63
N VAL C 54 43.92 0.67 -20.83
CA VAL C 54 43.29 -0.53 -20.32
C VAL C 54 43.31 -0.46 -18.80
N TYR C 55 42.18 -0.85 -18.21
CA TYR C 55 42.00 -0.80 -16.77
C TYR C 55 41.08 -1.95 -16.37
N HIS C 56 41.59 -2.90 -15.56
CA HIS C 56 40.78 -4.03 -15.07
C HIS C 56 40.02 -4.75 -16.19
N ASN C 57 40.73 -5.13 -17.26
CA ASN C 57 40.13 -5.86 -18.41
C ASN C 57 39.15 -5.03 -19.26
N LYS C 58 39.12 -3.71 -19.06
CA LYS C 58 38.26 -2.84 -19.86
C LYS C 58 39.11 -1.85 -20.61
N GLU C 59 38.74 -1.61 -21.86
CA GLU C 59 39.32 -0.51 -22.62
C GLU C 59 38.58 0.77 -22.19
N ILE C 60 39.32 1.77 -21.73
CA ILE C 60 38.72 3.06 -21.37
C ILE C 60 39.22 4.14 -22.32
N ILE C 61 38.30 4.97 -22.83
CA ILE C 61 38.63 6.05 -23.75
C ILE C 61 38.13 7.34 -23.10
N VAL C 62 39.05 8.20 -22.70
CA VAL C 62 38.73 9.44 -21.98
C VAL C 62 38.96 10.66 -22.87
N ALA C 63 38.02 11.60 -22.91
CA ALA C 63 38.25 12.86 -23.61
C ALA C 63 37.44 13.99 -23.00
N TYR C 64 37.92 15.22 -23.14
CA TYR C 64 37.04 16.38 -22.91
C TYR C 64 36.62 16.91 -24.26
N SER C 65 35.33 17.27 -24.37
CA SER C 65 34.77 17.62 -25.68
C SER C 65 35.10 19.05 -26.12
N LYS C 66 35.33 19.93 -25.13
CA LYS C 66 35.23 21.37 -25.21
C LYS C 66 33.76 21.77 -24.97
N ILE C 67 33.56 23.04 -24.64
CA ILE C 67 32.29 23.49 -24.05
C ILE C 67 31.14 23.51 -25.05
N GLY C 68 29.96 23.10 -24.59
CA GLY C 68 28.72 23.34 -25.31
C GLY C 68 28.19 22.19 -26.16
N LYS C 69 27.06 22.43 -26.80
CA LYS C 69 26.31 21.36 -27.44
C LYS C 69 26.95 20.79 -28.71
N VAL C 70 27.47 21.68 -29.58
CA VAL C 70 28.10 21.19 -30.81
C VAL C 70 29.37 20.41 -30.49
N HIS C 71 30.26 20.98 -29.67
CA HIS C 71 31.47 20.28 -29.26
C HIS C 71 31.12 18.87 -28.72
N SER C 72 30.21 18.81 -27.76
CA SER C 72 29.92 17.54 -27.08
C SER C 72 29.22 16.53 -28.00
N THR C 73 28.38 17.00 -28.90
CA THR C 73 27.77 16.13 -29.91
C THR C 73 28.85 15.49 -30.80
N LEU C 74 29.76 16.31 -31.28
CA LEU C 74 30.85 15.83 -32.14
C LEU C 74 31.66 14.74 -31.43
N THR C 75 32.13 15.06 -30.24
CA THR C 75 33.03 14.16 -29.52
C THR C 75 32.35 12.83 -29.17
N THR C 76 31.08 12.90 -28.78
CA THR C 76 30.35 11.66 -28.46
C THR C 76 30.19 10.79 -29.71
N THR C 77 29.89 11.43 -30.84
CA THR C 77 29.74 10.69 -32.10
C THR C 77 31.06 10.05 -32.48
N SER C 78 32.16 10.78 -32.33
CA SER C 78 33.51 10.21 -32.58
C SER C 78 33.81 9.03 -31.67
N MET C 79 33.50 9.16 -30.38
CA MET C 79 33.69 8.05 -29.46
C MET C 79 33.02 6.78 -29.91
N ILE C 80 31.77 6.91 -30.34
CA ILE C 80 30.97 5.78 -30.76
C ILE C 80 31.48 5.22 -32.10
N LEU C 81 31.62 6.07 -33.10
CA LEU C 81 31.94 5.61 -34.46
C LEU C 81 33.40 5.23 -34.62
N ALA C 82 34.32 6.00 -34.07
CA ALA C 82 35.75 5.75 -34.26
C ALA C 82 36.32 4.77 -33.24
N PHE C 83 35.82 4.79 -32.00
CA PHE C 83 36.39 3.96 -30.92
C PHE C 83 35.49 2.78 -30.48
N GLY C 84 34.29 2.67 -31.03
CA GLY C 84 33.42 1.54 -30.75
C GLY C 84 32.96 1.40 -29.31
N VAL C 85 32.86 2.50 -28.56
CA VAL C 85 32.48 2.38 -27.15
C VAL C 85 31.08 1.79 -27.02
N GLN C 86 30.90 0.95 -26.01
CA GLN C 86 29.63 0.28 -25.75
C GLN C 86 28.82 0.99 -24.66
N LYS C 87 29.47 1.84 -23.88
CA LYS C 87 28.81 2.68 -22.87
C LYS C 87 29.51 4.01 -22.84
N VAL C 88 28.79 5.07 -22.45
CA VAL C 88 29.38 6.40 -22.25
C VAL C 88 29.00 6.91 -20.87
N LEU C 89 30.00 7.31 -20.10
CA LEU C 89 29.80 7.93 -18.79
C LEU C 89 30.33 9.33 -18.88
N PHE C 90 29.48 10.31 -18.55
CA PHE C 90 29.89 11.72 -18.50
C PHE C 90 30.11 12.14 -17.07
N SER C 91 31.20 12.89 -16.83
CA SER C 91 31.51 13.47 -15.53
C SER C 91 31.87 14.93 -15.66
N GLY C 92 31.28 15.77 -14.81
CA GLY C 92 31.59 17.19 -14.81
C GLY C 92 30.81 17.95 -13.78
N VAL C 93 30.74 19.26 -13.96
CA VAL C 93 30.07 20.14 -12.99
C VAL C 93 28.78 20.73 -13.57
N ALA C 94 27.94 21.29 -12.69
CA ALA C 94 26.65 21.84 -13.14
C ALA C 94 26.16 22.93 -12.19
N GLY C 95 25.22 23.74 -12.67
CA GLY C 95 24.54 24.74 -11.86
C GLY C 95 23.32 24.12 -11.22
N SER C 96 23.13 24.37 -9.93
CA SER C 96 21.92 23.91 -9.22
C SER C 96 20.74 24.83 -9.48
N LEU C 97 19.58 24.22 -9.73
CA LEU C 97 18.31 24.94 -9.87
C LEU C 97 17.38 24.75 -8.66
N VAL C 98 17.78 23.92 -7.70
CA VAL C 98 16.91 23.54 -6.58
C VAL C 98 17.65 23.70 -5.26
N LYS C 99 16.93 24.16 -4.23
CA LYS C 99 17.53 24.49 -2.93
C LYS C 99 18.28 23.32 -2.28
N ASP C 100 17.79 22.10 -2.48
CA ASP C 100 18.41 20.91 -1.88
C ASP C 100 19.67 20.38 -2.60
N LEU C 101 20.02 20.94 -3.76
CA LEU C 101 21.28 20.63 -4.43
C LEU C 101 22.25 21.76 -4.14
N LYS C 102 23.21 21.46 -3.26
CA LYS C 102 24.19 22.42 -2.79
C LYS C 102 25.49 22.25 -3.53
N ILE C 103 26.37 23.24 -3.42
CA ILE C 103 27.73 23.16 -3.95
C ILE C 103 28.37 21.84 -3.52
N ASN C 104 28.94 21.13 -4.50
CA ASN C 104 29.63 19.86 -4.34
C ASN C 104 28.73 18.62 -4.37
N ASP C 105 27.41 18.80 -4.24
CA ASP C 105 26.50 17.65 -4.29
C ASP C 105 26.52 16.98 -5.66
N LEU C 106 26.33 15.66 -5.65
CA LEU C 106 26.29 14.87 -6.86
C LEU C 106 24.87 14.57 -7.28
N LEU C 107 24.65 14.62 -8.60
CA LEU C 107 23.39 14.34 -9.24
C LEU C 107 23.66 13.40 -10.42
N VAL C 108 22.81 12.40 -10.58
CA VAL C 108 22.75 11.62 -11.82
C VAL C 108 21.50 12.05 -12.59
N ALA C 109 21.61 12.25 -13.90
CA ALA C 109 20.47 12.61 -14.74
C ALA C 109 19.53 11.44 -14.98
N THR C 110 18.26 11.65 -14.69
CA THR C 110 17.22 10.72 -15.12
C THR C 110 16.91 10.93 -16.59
N GLN C 111 16.57 12.16 -16.91
CA GLN C 111 16.24 12.56 -18.30
C GLN C 111 16.89 13.91 -18.54
N LEU C 112 17.10 14.25 -19.80
CA LEU C 112 17.73 15.52 -20.16
C LEU C 112 16.96 16.23 -21.26
N VAL C 113 17.09 17.56 -21.30
CA VAL C 113 16.39 18.39 -22.28
C VAL C 113 17.34 19.46 -22.82
N GLN C 114 17.15 19.84 -24.07
CA GLN C 114 17.81 21.01 -24.67
C GLN C 114 16.93 22.22 -24.41
N HIS C 115 17.25 22.96 -23.36
CA HIS C 115 16.35 24.00 -22.87
C HIS C 115 16.24 25.23 -23.75
N ASP C 116 17.18 25.39 -24.66
CA ASP C 116 17.23 26.56 -25.53
C ASP C 116 16.63 26.34 -26.92
N VAL C 117 16.07 25.16 -27.16
CA VAL C 117 15.39 24.88 -28.41
C VAL C 117 14.03 25.59 -28.43
N ASP C 118 13.78 26.34 -29.51
CA ASP C 118 12.53 27.14 -29.59
C ASP C 118 12.01 27.15 -31.02
N LEU C 119 11.03 26.27 -31.26
CA LEU C 119 10.27 26.23 -32.51
C LEU C 119 8.81 26.61 -32.22
N SER C 120 8.62 27.48 -31.24
CA SER C 120 7.28 27.94 -30.85
C SER C 120 6.56 28.71 -31.97
N ALA C 121 7.29 29.25 -32.94
CA ALA C 121 6.65 29.90 -34.10
C ALA C 121 5.77 28.94 -34.90
N PHE C 122 6.05 27.63 -34.79
CA PHE C 122 5.23 26.59 -35.42
C PHE C 122 4.36 25.82 -34.41
N ASP C 123 4.14 26.44 -33.24
CA ASP C 123 3.35 25.88 -32.16
C ASP C 123 3.91 24.62 -31.51
N HIS C 124 5.20 24.41 -31.62
CA HIS C 124 5.84 23.31 -30.91
C HIS C 124 6.13 23.74 -29.49
N PRO C 125 5.98 22.83 -28.53
CA PRO C 125 6.45 23.11 -27.18
C PRO C 125 7.92 23.44 -27.15
N LEU C 126 8.32 24.27 -26.20
CA LEU C 126 9.74 24.57 -26.03
C LEU C 126 10.51 23.29 -25.73
N GLY C 127 11.70 23.17 -26.31
CA GLY C 127 12.52 21.98 -26.18
C GLY C 127 12.30 20.91 -27.24
N PHE C 128 11.19 21.01 -27.99
CA PHE C 128 10.80 20.00 -28.95
C PHE C 128 11.28 20.32 -30.36
N ILE C 129 11.80 19.29 -31.02
CA ILE C 129 12.10 19.32 -32.45
C ILE C 129 11.33 18.18 -33.12
N PRO C 130 10.67 18.46 -34.25
CA PRO C 130 10.07 17.36 -35.04
C PRO C 130 11.03 16.20 -35.30
N GLU C 131 10.50 14.98 -35.22
CA GLU C 131 11.28 13.75 -35.38
C GLU C 131 12.21 13.48 -34.19
N SER C 132 11.98 14.18 -33.08
CA SER C 132 12.70 13.94 -31.84
C SER C 132 11.71 14.00 -30.67
N ALA C 133 12.18 14.38 -29.48
CA ALA C 133 11.36 14.48 -28.28
C ALA C 133 11.98 15.49 -27.33
N ILE C 134 11.17 16.06 -26.44
CA ILE C 134 11.68 17.00 -25.45
C ILE C 134 12.72 16.33 -24.55
N PHE C 135 12.34 15.18 -23.98
CA PHE C 135 13.16 14.53 -22.96
C PHE C 135 13.90 13.33 -23.51
N ILE C 136 15.18 13.26 -23.21
CA ILE C 136 16.07 12.19 -23.62
C ILE C 136 16.37 11.32 -22.41
N GLU C 137 16.23 10.01 -22.57
CA GLU C 137 16.43 9.04 -21.48
C GLU C 137 17.86 8.57 -21.34
N THR C 138 18.23 8.16 -20.13
CA THR C 138 19.53 7.58 -19.86
C THR C 138 19.39 6.12 -19.47
N SER C 139 20.51 5.48 -19.19
CA SER C 139 20.56 4.05 -18.92
C SER C 139 20.11 3.72 -17.49
N GLY C 140 19.04 2.93 -17.39
CA GLY C 140 18.59 2.43 -16.09
C GLY C 140 19.61 1.56 -15.38
N SER C 141 20.29 0.70 -16.11
CA SER C 141 21.31 -0.16 -15.52
C SER C 141 22.48 0.66 -14.95
N LEU C 142 22.94 1.68 -15.67
CA LEU C 142 24.01 2.51 -15.15
C LEU C 142 23.57 3.41 -14.01
N ASN C 143 22.35 3.94 -14.10
CA ASN C 143 21.84 4.77 -12.99
C ASN C 143 21.66 3.92 -11.74
N ALA C 144 21.20 2.69 -11.91
CA ALA C 144 21.09 1.73 -10.79
C ALA C 144 22.44 1.44 -10.17
N LEU C 145 23.48 1.29 -11.01
CA LEU C 145 24.84 1.10 -10.51
C LEU C 145 25.30 2.29 -9.67
N ALA C 146 25.05 3.50 -10.17
CA ALA C 146 25.40 4.71 -9.43
C ALA C 146 24.74 4.73 -8.03
N LYS C 147 23.46 4.43 -8.01
CA LYS C 147 22.71 4.43 -6.75
C LYS C 147 23.20 3.38 -5.77
N LYS C 148 23.55 2.22 -6.29
CA LYS C 148 24.08 1.11 -5.47
C LYS C 148 25.39 1.51 -4.83
N ILE C 149 26.30 2.05 -5.62
CA ILE C 149 27.61 2.47 -5.09
C ILE C 149 27.48 3.61 -4.10
N ALA C 150 26.62 4.59 -4.40
CA ALA C 150 26.40 5.69 -3.49
C ALA C 150 25.91 5.20 -2.11
N ASN C 151 24.98 4.25 -2.13
CA ASN C 151 24.48 3.65 -0.90
C ASN C 151 25.60 2.94 -0.14
N GLU C 152 26.46 2.20 -0.86
CA GLU C 152 27.61 1.55 -0.23
C GLU C 152 28.61 2.54 0.37
N GLN C 153 28.86 3.65 -0.34
CA GLN C 153 29.81 4.69 0.09
C GLN C 153 29.22 5.62 1.15
N HIS C 154 27.92 5.51 1.44
CA HIS C 154 27.22 6.48 2.30
C HIS C 154 27.40 7.91 1.78
N ILE C 155 27.25 8.07 0.47
CA ILE C 155 27.29 9.39 -0.16
C ILE C 155 25.92 9.67 -0.73
N ALA C 156 25.52 10.93 -0.59
CA ALA C 156 24.24 11.37 -1.07
C ALA C 156 24.39 11.46 -2.58
N LEU C 157 23.47 10.84 -3.28
CA LEU C 157 23.38 10.98 -4.72
C LEU C 157 21.95 11.33 -4.99
N LYS C 158 21.71 12.46 -5.62
CA LYS C 158 20.37 12.82 -6.07
C LYS C 158 20.20 12.39 -7.51
N GLU C 159 18.96 12.29 -7.95
CA GLU C 159 18.65 12.07 -9.36
C GLU C 159 17.63 13.11 -9.80
N GLY C 160 17.70 13.53 -11.06
CA GLY C 160 16.71 14.43 -11.56
C GLY C 160 16.96 14.84 -12.99
N VAL C 161 16.16 15.77 -13.47
CA VAL C 161 16.20 16.20 -14.86
C VAL C 161 17.34 17.23 -14.99
N ILE C 162 18.15 17.09 -16.04
CA ILE C 162 19.20 18.06 -16.32
C ILE C 162 18.88 18.78 -17.61
N ALA C 163 18.93 20.12 -17.55
CA ALA C 163 18.69 20.97 -18.71
C ALA C 163 20.03 21.40 -19.30
N SER C 164 20.17 21.28 -20.62
CA SER C 164 21.41 21.70 -21.30
C SER C 164 21.11 22.71 -22.38
N GLY C 165 21.97 23.72 -22.50
CA GLY C 165 21.86 24.75 -23.52
C GLY C 165 23.20 25.37 -23.80
N ASP C 166 23.26 26.27 -24.79
CA ASP C 166 24.52 26.91 -25.16
C ASP C 166 24.71 28.29 -24.53
N GLN C 167 24.11 28.48 -23.37
CA GLN C 167 24.32 29.68 -22.54
C GLN C 167 24.70 29.25 -21.13
N PHE C 168 25.62 29.99 -20.52
CA PHE C 168 25.87 29.83 -19.09
C PHE C 168 24.77 30.61 -18.39
N VAL C 169 24.00 29.91 -17.55
CA VAL C 169 22.84 30.48 -16.89
C VAL C 169 23.26 31.19 -15.60
N HIS C 170 22.85 32.44 -15.46
CA HIS C 170 23.29 33.26 -14.33
C HIS C 170 22.23 34.32 -14.01
N SER C 171 20.98 33.87 -13.95
CA SER C 171 19.88 34.76 -13.58
C SER C 171 18.73 34.00 -12.93
N LYS C 172 18.07 34.64 -11.98
CA LYS C 172 16.86 34.12 -11.35
C LYS C 172 15.80 33.84 -12.41
N GLU C 173 15.62 34.74 -13.35
CA GLU C 173 14.56 34.62 -14.35
C GLU C 173 14.74 33.34 -15.19
N ARG C 174 15.97 33.08 -15.63
CA ARG C 174 16.21 31.88 -16.45
C ARG C 174 16.10 30.61 -15.62
N LYS C 175 16.67 30.61 -14.41
CA LYS C 175 16.53 29.47 -13.49
C LYS C 175 15.09 29.08 -13.33
N GLU C 176 14.26 30.06 -13.05
CA GLU C 176 12.85 29.80 -12.78
C GLU C 176 12.10 29.27 -14.01
N PHE C 177 12.47 29.75 -15.20
CA PHE C 177 11.97 29.17 -16.44
C PHE C 177 12.32 27.68 -16.58
N LEU C 178 13.56 27.33 -16.27
CA LEU C 178 14.01 25.93 -16.42
C LEU C 178 13.24 25.01 -15.48
N VAL C 179 12.96 25.50 -14.27
CA VAL C 179 12.17 24.73 -13.30
C VAL C 179 10.71 24.65 -13.75
N SER C 180 10.13 25.77 -14.15
CA SER C 180 8.70 25.77 -14.51
C SER C 180 8.43 25.01 -15.81
N GLU C 181 9.30 25.18 -16.81
CA GLU C 181 9.06 24.56 -18.11
C GLU C 181 9.42 23.09 -18.18
N PHE C 182 10.56 22.72 -17.59
CA PHE C 182 11.12 21.40 -17.75
C PHE C 182 11.27 20.59 -16.45
N LYS C 183 10.92 21.19 -15.32
CA LYS C 183 11.11 20.58 -13.99
C LYS C 183 12.55 20.13 -13.78
N ALA C 184 13.48 20.93 -14.28
CA ALA C 184 14.91 20.58 -14.20
C ALA C 184 15.45 20.82 -12.79
N SER C 185 16.43 20.00 -12.41
CA SER C 185 17.15 20.14 -11.12
C SER C 185 18.53 20.82 -11.25
N ALA C 186 19.13 20.72 -12.43
CA ALA C 186 20.44 21.27 -12.66
C ALA C 186 20.56 21.69 -14.11
N VAL C 187 21.52 22.56 -14.37
CA VAL C 187 21.75 23.12 -15.70
C VAL C 187 23.22 23.01 -16.08
N GLU C 188 23.46 22.69 -17.34
CA GLU C 188 24.83 22.60 -17.88
C GLU C 188 24.75 22.78 -19.40
N MET C 189 25.81 22.44 -20.15
CA MET C 189 25.86 22.81 -21.57
C MET C 189 26.18 21.63 -22.49
N GLU C 190 26.10 20.40 -21.98
CA GLU C 190 26.57 19.22 -22.73
C GLU C 190 25.80 17.92 -22.50
N GLY C 191 25.14 17.77 -21.35
CA GLY C 191 24.57 16.47 -21.01
C GLY C 191 23.56 15.99 -22.01
N ALA C 192 22.64 16.88 -22.39
CA ALA C 192 21.56 16.49 -23.29
C ALA C 192 22.11 16.06 -24.64
N SER C 193 23.12 16.77 -25.14
CA SER C 193 23.71 16.42 -26.42
C SER C 193 24.44 15.07 -26.36
N VAL C 194 25.17 14.83 -25.28
CA VAL C 194 25.87 13.54 -25.11
C VAL C 194 24.82 12.39 -25.04
N ALA C 195 23.83 12.57 -24.20
CA ALA C 195 22.78 11.54 -24.03
C ALA C 195 21.97 11.34 -25.31
N PHE C 196 21.74 12.42 -26.05
CA PHE C 196 21.02 12.35 -27.32
C PHE C 196 21.77 11.49 -28.31
N VAL C 197 23.05 11.76 -28.50
CA VAL C 197 23.86 10.97 -29.43
C VAL C 197 23.83 9.49 -29.04
N CYS C 198 24.05 9.23 -27.76
CA CYS C 198 24.02 7.85 -27.27
C CYS C 198 22.68 7.18 -27.57
N GLN C 199 21.59 7.87 -27.35
CA GLN C 199 20.25 7.33 -27.67
C GLN C 199 20.13 7.00 -29.15
N LYS C 200 20.61 7.88 -30.03
CA LYS C 200 20.49 7.63 -31.47
C LYS C 200 21.26 6.38 -31.92
N PHE C 201 22.37 6.08 -31.25
CA PHE C 201 23.21 4.93 -31.59
C PHE C 201 22.94 3.69 -30.73
N GLY C 202 22.00 3.79 -29.81
CA GLY C 202 21.65 2.67 -28.93
C GLY C 202 22.73 2.32 -27.93
N VAL C 203 23.47 3.33 -27.46
CA VAL C 203 24.58 3.17 -26.54
C VAL C 203 24.13 3.62 -25.15
N PRO C 204 24.25 2.76 -24.13
CA PRO C 204 23.93 3.17 -22.76
C PRO C 204 24.72 4.38 -22.29
N CYS C 205 24.05 5.34 -21.65
CA CYS C 205 24.66 6.59 -21.22
C CYS C 205 24.27 6.92 -19.78
N CYS C 206 25.22 7.39 -19.00
CA CYS C 206 24.99 7.94 -17.68
C CYS C 206 25.64 9.32 -17.62
N VAL C 207 24.89 10.32 -17.15
CA VAL C 207 25.41 11.67 -16.96
C VAL C 207 25.47 12.01 -15.47
N LEU C 208 26.70 12.19 -14.95
N LEU C 208 26.70 12.22 -14.97
CA LEU C 208 26.98 12.56 -13.58
CA LEU C 208 26.99 12.57 -13.59
C LEU C 208 27.48 14.00 -13.53
C LEU C 208 27.49 14.00 -13.52
N ARG C 209 26.97 14.77 -12.58
CA ARG C 209 27.39 16.16 -12.36
C ARG C 209 27.51 16.48 -10.89
N SER C 210 28.51 17.27 -10.55
CA SER C 210 28.66 17.84 -9.22
C SER C 210 28.42 19.33 -9.29
N ILE C 211 27.67 19.87 -8.33
CA ILE C 211 27.26 21.27 -8.37
C ILE C 211 28.44 22.22 -8.13
N SER C 212 28.62 23.19 -9.03
CA SER C 212 29.65 24.23 -8.90
C SER C 212 29.13 25.63 -8.56
N ASP C 213 27.82 25.85 -8.73
CA ASP C 213 27.21 27.17 -8.58
C ASP C 213 25.71 27.04 -8.54
N ASN C 214 25.03 28.15 -8.29
CA ASN C 214 23.57 28.18 -8.19
C ASN C 214 22.88 28.85 -9.38
N ALA C 215 23.59 28.97 -10.50
CA ALA C 215 22.99 29.42 -11.77
C ALA C 215 22.30 30.79 -11.68
N ASP C 216 22.82 31.63 -10.76
CA ASP C 216 22.26 32.94 -10.46
C ASP C 216 23.31 34.01 -10.80
N GLU C 217 23.10 35.24 -10.37
CA GLU C 217 23.98 36.34 -10.80
C GLU C 217 25.43 36.19 -10.30
N LYS C 218 25.64 35.40 -9.24
CA LYS C 218 27.00 35.09 -8.75
C LYS C 218 27.61 33.81 -9.34
N ALA C 219 26.95 33.18 -10.31
CA ALA C 219 27.38 31.87 -10.78
C ALA C 219 28.76 31.85 -11.42
N GLY C 220 29.12 32.91 -12.13
CA GLY C 220 30.45 32.96 -12.75
C GLY C 220 31.54 32.86 -11.71
N MET C 221 31.39 33.63 -10.64
N MET C 221 31.39 33.64 -10.64
CA MET C 221 32.37 33.64 -9.56
CA MET C 221 32.36 33.65 -9.55
C MET C 221 32.38 32.34 -8.77
C MET C 221 32.37 32.34 -8.77
N SER C 222 31.19 31.80 -8.48
CA SER C 222 31.07 30.51 -7.81
C SER C 222 31.71 29.39 -8.64
N PHE C 223 31.40 29.37 -9.92
CA PHE C 223 31.97 28.39 -10.84
C PHE C 223 33.51 28.43 -10.81
N ASP C 224 34.09 29.64 -10.91
CA ASP C 224 35.55 29.75 -10.92
C ASP C 224 36.16 29.24 -9.60
N GLU C 225 35.46 29.49 -8.50
CA GLU C 225 35.89 29.04 -7.18
C GLU C 225 35.83 27.52 -6.97
N PHE C 226 34.74 26.90 -7.45
CA PHE C 226 34.43 25.51 -7.11
C PHE C 226 34.64 24.49 -8.22
N LEU C 227 35.00 24.94 -9.42
CA LEU C 227 35.23 24.02 -10.54
C LEU C 227 36.16 22.86 -10.17
N GLU C 228 37.32 23.18 -9.59
CA GLU C 228 38.31 22.14 -9.28
C GLU C 228 37.75 21.10 -8.31
N LYS C 229 37.15 21.56 -7.22
CA LYS C 229 36.67 20.64 -6.18
C LYS C 229 35.51 19.82 -6.70
N SER C 230 34.54 20.48 -7.32
CA SER C 230 33.37 19.79 -7.86
C SER C 230 33.74 18.81 -8.97
N ALA C 231 34.67 19.19 -9.85
CA ALA C 231 35.14 18.26 -10.87
C ALA C 231 35.79 17.00 -10.29
N HIS C 232 36.54 17.17 -9.21
CA HIS C 232 37.19 16.04 -8.54
C HIS C 232 36.12 15.12 -7.88
N THR C 233 35.10 15.72 -7.28
CA THR C 233 34.01 14.97 -6.66
C THR C 233 33.31 14.07 -7.67
N SER C 234 32.99 14.64 -8.83
CA SER C 234 32.35 13.85 -9.88
C SER C 234 33.30 12.78 -10.42
N ALA C 235 34.56 13.15 -10.64
CA ALA C 235 35.55 12.20 -11.19
C ALA C 235 35.74 11.00 -10.30
N LYS C 236 35.84 11.25 -9.00
CA LYS C 236 36.02 10.18 -8.01
C LYS C 236 34.84 9.22 -8.05
N PHE C 237 33.64 9.76 -8.14
CA PHE C 237 32.45 8.91 -8.24
C PHE C 237 32.42 8.12 -9.55
N LEU C 238 32.75 8.77 -10.68
CA LEU C 238 32.83 8.08 -11.95
C LEU C 238 33.81 6.90 -11.87
N LYS C 239 34.99 7.13 -11.29
CA LYS C 239 35.95 6.04 -11.15
C LYS C 239 35.35 4.87 -10.36
N SER C 240 34.64 5.17 -9.27
N SER C 240 34.64 5.17 -9.27
CA SER C 240 34.03 4.11 -8.46
CA SER C 240 34.04 4.11 -8.46
C SER C 240 33.03 3.30 -9.26
C SER C 240 33.02 3.30 -9.26
N MET C 241 32.32 3.95 -10.21
CA MET C 241 31.43 3.22 -11.11
C MET C 241 32.19 2.28 -12.02
N VAL C 242 33.25 2.80 -12.64
CA VAL C 242 34.02 1.96 -13.58
C VAL C 242 34.62 0.76 -12.84
N ASP C 243 34.99 0.94 -11.58
CA ASP C 243 35.49 -0.19 -10.75
C ASP C 243 34.51 -1.35 -10.60
N GLU C 244 33.23 -1.07 -10.74
CA GLU C 244 32.17 -2.11 -10.66
C GLU C 244 31.73 -2.69 -11.99
N LEU C 245 32.19 -2.12 -13.10
CA LEU C 245 31.78 -2.60 -14.42
C LEU C 245 32.64 -3.79 -14.86
N GLN D 14 -56.01 -12.44 21.62
CA GLN D 14 -55.34 -13.12 20.45
C GLN D 14 -54.12 -13.94 20.95
N GLY D 15 -52.89 -13.55 20.60
CA GLY D 15 -51.70 -14.29 21.05
C GLY D 15 -50.42 -13.46 20.95
N VAL D 16 -49.30 -14.15 20.78
CA VAL D 16 -48.00 -13.48 20.73
C VAL D 16 -47.76 -12.89 19.32
N GLN D 17 -47.13 -11.72 19.29
CA GLN D 17 -46.81 -11.06 18.02
C GLN D 17 -45.48 -11.57 17.50
N LYS D 18 -45.43 -11.98 16.24
CA LYS D 18 -44.21 -12.48 15.61
C LYS D 18 -43.89 -11.58 14.42
N ILE D 19 -42.72 -10.93 14.47
CA ILE D 19 -42.34 -9.94 13.45
C ILE D 19 -41.09 -10.44 12.73
N GLY D 20 -41.17 -10.50 11.40
CA GLY D 20 -40.03 -10.83 10.58
C GLY D 20 -39.32 -9.56 10.18
N ILE D 21 -38.00 -9.56 10.28
CA ILE D 21 -37.16 -8.43 9.95
C ILE D 21 -36.10 -8.92 8.98
N LEU D 22 -36.05 -8.32 7.78
CA LEU D 22 -35.19 -8.78 6.69
C LEU D 22 -34.28 -7.69 6.20
N GLY D 23 -33.03 -8.06 5.93
CA GLY D 23 -32.14 -7.31 5.08
C GLY D 23 -31.68 -8.25 3.96
N ALA D 24 -30.97 -7.70 2.98
CA ALA D 24 -30.36 -8.52 1.92
C ALA D 24 -28.96 -8.99 2.26
N MET D 25 -28.16 -8.11 2.88
CA MET D 25 -26.76 -8.37 3.15
C MET D 25 -26.52 -8.43 4.65
N ARG D 26 -25.47 -9.14 5.06
CA ARG D 26 -25.08 -9.18 6.47
C ARG D 26 -24.95 -7.77 7.06
N GLU D 27 -24.33 -6.88 6.29
CA GLU D 27 -24.12 -5.50 6.73
C GLU D 27 -25.43 -4.75 7.03
N GLU D 28 -26.54 -5.15 6.41
CA GLU D 28 -27.82 -4.51 6.67
C GLU D 28 -28.47 -4.99 7.95
N ILE D 29 -28.13 -6.20 8.41
CA ILE D 29 -28.71 -6.71 9.65
C ILE D 29 -27.81 -6.59 10.87
N THR D 30 -26.50 -6.44 10.67
CA THR D 30 -25.56 -6.23 11.81
C THR D 30 -26.05 -5.11 12.74
N PRO D 31 -26.38 -3.91 12.21
CA PRO D 31 -26.89 -2.86 13.09
C PRO D 31 -28.26 -3.16 13.70
N ILE D 32 -29.10 -3.96 13.03
CA ILE D 32 -30.39 -4.34 13.58
C ILE D 32 -30.17 -5.20 14.83
N LEU D 33 -29.35 -6.22 14.71
CA LEU D 33 -29.05 -7.11 15.84
C LEU D 33 -28.47 -6.31 17.02
N GLU D 34 -27.53 -5.43 16.73
CA GLU D 34 -26.88 -4.59 17.75
C GLU D 34 -27.86 -3.65 18.43
N LEU D 35 -28.70 -2.98 17.64
CA LEU D 35 -29.62 -1.98 18.19
C LEU D 35 -30.70 -2.60 19.08
N PHE D 36 -31.20 -3.77 18.73
CA PHE D 36 -32.19 -4.44 19.56
C PHE D 36 -31.59 -4.91 20.90
N GLY D 37 -30.31 -5.28 20.86
CA GLY D 37 -29.53 -5.53 22.09
C GLY D 37 -30.01 -6.68 22.95
N VAL D 38 -30.73 -7.63 22.36
CA VAL D 38 -31.20 -8.82 23.06
C VAL D 38 -30.43 -10.03 22.54
N ASP D 39 -30.55 -11.15 23.25
CA ASP D 39 -29.88 -12.39 22.85
C ASP D 39 -30.70 -13.05 21.75
N PHE D 40 -30.03 -13.48 20.70
CA PHE D 40 -30.68 -14.19 19.59
C PHE D 40 -30.19 -15.63 19.51
N GLU D 41 -31.11 -16.56 19.30
CA GLU D 41 -30.80 -17.92 18.91
C GLU D 41 -30.64 -17.97 17.39
N GLU D 42 -29.57 -18.58 16.90
CA GLU D 42 -29.34 -18.74 15.46
C GLU D 42 -29.92 -20.07 14.98
N ILE D 43 -30.80 -20.01 13.99
CA ILE D 43 -31.51 -21.18 13.47
C ILE D 43 -31.26 -21.29 11.96
N PRO D 44 -30.52 -22.32 11.52
CA PRO D 44 -30.29 -22.50 10.09
C PRO D 44 -31.46 -23.17 9.37
N LEU D 45 -31.80 -22.68 8.18
CA LEU D 45 -32.87 -23.27 7.38
C LEU D 45 -32.74 -22.74 5.95
N GLY D 46 -32.70 -23.66 4.99
CA GLY D 46 -32.70 -23.29 3.57
C GLY D 46 -31.59 -22.38 3.13
N GLY D 47 -30.42 -22.52 3.75
CA GLY D 47 -29.25 -21.72 3.42
C GLY D 47 -29.22 -20.35 4.07
N ASN D 48 -30.18 -20.05 4.94
CA ASN D 48 -30.19 -18.82 5.71
C ASN D 48 -29.99 -19.13 7.18
N VAL D 49 -29.58 -18.10 7.92
CA VAL D 49 -29.54 -18.16 9.38
C VAL D 49 -30.55 -17.16 9.91
N PHE D 50 -31.52 -17.65 10.66
CA PHE D 50 -32.55 -16.83 11.29
C PHE D 50 -32.18 -16.56 12.75
N HIS D 51 -32.21 -15.30 13.14
CA HIS D 51 -31.84 -14.85 14.49
C HIS D 51 -33.14 -14.57 15.22
N LYS D 52 -33.45 -15.42 16.20
CA LYS D 52 -34.74 -15.37 16.89
C LYS D 52 -34.56 -14.90 18.32
N GLY D 53 -35.30 -13.86 18.69
CA GLY D 53 -35.26 -13.31 20.04
C GLY D 53 -36.60 -12.77 20.48
N VAL D 54 -36.63 -12.27 21.72
CA VAL D 54 -37.84 -11.68 22.29
C VAL D 54 -37.50 -10.25 22.67
N TYR D 55 -38.41 -9.35 22.33
CA TYR D 55 -38.21 -7.92 22.56
C TYR D 55 -39.57 -7.29 22.84
N HIS D 56 -39.76 -6.74 24.04
CA HIS D 56 -41.01 -6.06 24.43
C HIS D 56 -42.27 -6.91 24.12
N ASN D 57 -42.30 -8.15 24.59
CA ASN D 57 -43.43 -9.07 24.36
C ASN D 57 -43.65 -9.50 22.89
N LYS D 58 -42.67 -9.24 22.02
CA LYS D 58 -42.76 -9.65 20.61
C LYS D 58 -41.65 -10.60 20.30
N GLU D 59 -41.96 -11.62 19.52
CA GLU D 59 -40.94 -12.48 18.93
C GLU D 59 -40.41 -11.75 17.70
N ILE D 60 -39.10 -11.52 17.63
CA ILE D 60 -38.50 -10.95 16.42
C ILE D 60 -37.61 -12.00 15.75
N ILE D 61 -37.76 -12.16 14.43
CA ILE D 61 -36.95 -13.09 13.66
C ILE D 61 -36.22 -12.27 12.60
N VAL D 62 -34.90 -12.19 12.72
CA VAL D 62 -34.07 -11.34 11.86
C VAL D 62 -33.23 -12.23 10.95
N ALA D 63 -33.18 -11.89 9.65
CA ALA D 63 -32.28 -12.62 8.74
C ALA D 63 -31.85 -11.74 7.61
N TYR D 64 -30.68 -12.00 7.05
CA TYR D 64 -30.34 -11.44 5.73
C TYR D 64 -30.54 -12.54 4.71
N SER D 65 -31.13 -12.17 3.57
CA SER D 65 -31.52 -13.18 2.59
C SER D 65 -30.37 -13.66 1.71
N LYS D 66 -29.36 -12.80 1.55
CA LYS D 66 -28.39 -12.79 0.46
C LYS D 66 -29.01 -12.03 -0.72
N ILE D 67 -28.14 -11.61 -1.63
CA ILE D 67 -28.47 -10.59 -2.62
C ILE D 67 -29.43 -11.10 -3.71
N GLY D 68 -30.39 -10.26 -4.08
CA GLY D 68 -31.19 -10.48 -5.29
C GLY D 68 -32.55 -11.11 -5.10
N LYS D 69 -33.24 -11.30 -6.22
CA LYS D 69 -34.66 -11.63 -6.17
C LYS D 69 -34.94 -13.07 -5.73
N VAL D 70 -34.18 -14.04 -6.23
CA VAL D 70 -34.40 -15.42 -5.83
C VAL D 70 -34.07 -15.63 -4.33
N HIS D 71 -32.91 -15.16 -3.89
CA HIS D 71 -32.55 -15.24 -2.47
C HIS D 71 -33.67 -14.66 -1.60
N SER D 72 -34.07 -13.43 -1.91
CA SER D 72 -35.04 -12.73 -1.04
C SER D 72 -36.43 -13.36 -1.08
N THR D 73 -36.85 -13.90 -2.23
CA THR D 73 -38.10 -14.63 -2.33
C THR D 73 -38.08 -15.86 -1.43
N LEU D 74 -37.00 -16.62 -1.52
CA LEU D 74 -36.84 -17.83 -0.69
C LEU D 74 -36.95 -17.50 0.80
N THR D 75 -36.13 -16.54 1.23
CA THR D 75 -36.04 -16.22 2.66
C THR D 75 -37.37 -15.69 3.21
N THR D 76 -38.07 -14.87 2.43
CA THR D 76 -39.36 -14.35 2.87
C THR D 76 -40.37 -15.48 3.01
N THR D 77 -40.36 -16.41 2.04
CA THR D 77 -41.26 -17.54 2.09
C THR D 77 -40.95 -18.42 3.32
N SER D 78 -39.67 -18.64 3.59
CA SER D 78 -39.26 -19.37 4.82
C SER D 78 -39.71 -18.68 6.09
N MET D 79 -39.54 -17.37 6.16
CA MET D 79 -40.01 -16.60 7.32
C MET D 79 -41.48 -16.82 7.61
N ILE D 80 -42.28 -16.78 6.56
CA ILE D 80 -43.73 -16.93 6.68
C ILE D 80 -44.08 -18.38 7.02
N LEU D 81 -43.60 -19.33 6.25
CA LEU D 81 -44.02 -20.73 6.40
C LEU D 81 -43.39 -21.43 7.59
N ALA D 82 -42.10 -21.20 7.84
CA ALA D 82 -41.39 -21.90 8.92
C ALA D 82 -41.52 -21.18 10.27
N PHE D 83 -41.56 -19.85 10.27
CA PHE D 83 -41.56 -19.07 11.51
C PHE D 83 -42.89 -18.40 11.85
N GLY D 84 -43.89 -18.47 10.96
CA GLY D 84 -45.21 -17.93 11.23
C GLY D 84 -45.28 -16.43 11.46
N VAL D 85 -44.38 -15.66 10.84
CA VAL D 85 -44.40 -14.20 11.07
C VAL D 85 -45.72 -13.58 10.59
N GLN D 86 -46.20 -12.62 11.35
CA GLN D 86 -47.46 -11.94 11.05
C GLN D 86 -47.26 -10.62 10.32
N LYS D 87 -46.04 -10.08 10.37
CA LYS D 87 -45.65 -8.88 9.64
C LYS D 87 -44.21 -9.07 9.18
N VAL D 88 -43.85 -8.42 8.07
CA VAL D 88 -42.46 -8.40 7.61
C VAL D 88 -42.03 -6.97 7.39
N LEU D 89 -40.93 -6.58 8.02
CA LEU D 89 -40.32 -5.27 7.83
C LEU D 89 -38.96 -5.50 7.20
N PHE D 90 -38.73 -4.85 6.06
CA PHE D 90 -37.43 -4.90 5.38
C PHE D 90 -36.66 -3.63 5.66
N SER D 91 -35.36 -3.77 5.95
CA SER D 91 -34.45 -2.67 6.15
C SER D 91 -33.17 -2.88 5.36
N GLY D 92 -32.74 -1.85 4.65
CA GLY D 92 -31.51 -1.91 3.88
C GLY D 92 -31.23 -0.65 3.13
N VAL D 93 -30.36 -0.75 2.15
CA VAL D 93 -29.91 0.41 1.40
C VAL D 93 -30.43 0.36 -0.04
N ALA D 94 -30.36 1.49 -0.75
CA ALA D 94 -30.87 1.57 -2.11
C ALA D 94 -30.18 2.66 -2.90
N GLY D 95 -30.26 2.57 -4.23
CA GLY D 95 -29.78 3.62 -5.11
C GLY D 95 -30.89 4.64 -5.35
N SER D 96 -30.53 5.92 -5.29
CA SER D 96 -31.48 6.99 -5.59
C SER D 96 -31.61 7.20 -7.09
N LEU D 97 -32.85 7.37 -7.54
CA LEU D 97 -33.16 7.72 -8.94
C LEU D 97 -33.62 9.16 -9.10
N VAL D 98 -33.79 9.89 -8.00
CA VAL D 98 -34.37 11.24 -8.03
C VAL D 98 -33.49 12.21 -7.25
N LYS D 99 -33.38 13.44 -7.75
CA LYS D 99 -32.50 14.46 -7.18
C LYS D 99 -32.76 14.74 -5.71
N ASP D 100 -34.02 14.67 -5.28
CA ASP D 100 -34.37 14.98 -3.87
C ASP D 100 -34.10 13.84 -2.87
N LEU D 101 -33.71 12.65 -3.35
CA LEU D 101 -33.27 11.57 -2.47
C LEU D 101 -31.75 11.55 -2.48
N LYS D 102 -31.17 12.00 -1.37
CA LYS D 102 -29.73 12.14 -1.21
C LYS D 102 -29.19 10.96 -0.41
N ILE D 103 -27.87 10.79 -0.46
CA ILE D 103 -27.19 9.80 0.37
C ILE D 103 -27.66 9.91 1.82
N ASN D 104 -28.03 8.78 2.41
CA ASN D 104 -28.51 8.63 3.78
C ASN D 104 -30.01 8.89 3.99
N ASP D 105 -30.69 9.50 3.01
CA ASP D 105 -32.13 9.73 3.14
C ASP D 105 -32.91 8.43 3.21
N LEU D 106 -34.01 8.47 3.96
CA LEU D 106 -34.90 7.33 4.12
C LEU D 106 -36.11 7.42 3.23
N LEU D 107 -36.49 6.28 2.68
CA LEU D 107 -37.65 6.12 1.81
C LEU D 107 -38.44 4.90 2.29
N VAL D 108 -39.76 5.03 2.35
CA VAL D 108 -40.64 3.89 2.51
C VAL D 108 -41.28 3.62 1.14
N ALA D 109 -41.33 2.35 0.71
CA ALA D 109 -41.95 2.00 -0.57
C ALA D 109 -43.46 2.02 -0.52
N THR D 110 -44.09 2.77 -1.40
CA THR D 110 -45.54 2.72 -1.55
C THR D 110 -45.92 1.51 -2.39
N GLN D 111 -45.28 1.39 -3.54
CA GLN D 111 -45.46 0.23 -4.42
C GLN D 111 -44.11 -0.17 -4.94
N LEU D 112 -44.01 -1.41 -5.39
CA LEU D 112 -42.75 -1.95 -5.93
C LEU D 112 -42.99 -2.65 -7.26
N VAL D 113 -41.95 -2.70 -8.08
CA VAL D 113 -42.01 -3.33 -9.39
C VAL D 113 -40.74 -4.15 -9.62
N GLN D 114 -40.86 -5.23 -10.37
CA GLN D 114 -39.72 -5.97 -10.86
C GLN D 114 -39.33 -5.38 -12.21
N HIS D 115 -38.33 -4.50 -12.18
CA HIS D 115 -38.02 -3.67 -13.36
C HIS D 115 -37.40 -4.39 -14.52
N ASP D 116 -36.89 -5.60 -14.26
CA ASP D 116 -36.19 -6.38 -15.26
C ASP D 116 -37.04 -7.45 -15.92
N VAL D 117 -38.33 -7.52 -15.57
CA VAL D 117 -39.25 -8.45 -16.20
C VAL D 117 -39.59 -7.95 -17.61
N ASP D 118 -39.43 -8.83 -18.61
CA ASP D 118 -39.63 -8.42 -20.01
C ASP D 118 -40.28 -9.55 -20.80
N LEU D 119 -41.61 -9.44 -20.93
CA LEU D 119 -42.40 -10.32 -21.80
C LEU D 119 -43.00 -9.50 -22.94
N SER D 120 -42.26 -8.47 -23.37
CA SER D 120 -42.67 -7.60 -24.48
C SER D 120 -42.80 -8.36 -25.80
N ALA D 121 -42.16 -9.52 -25.95
CA ALA D 121 -42.34 -10.34 -27.16
C ALA D 121 -43.80 -10.79 -27.34
N PHE D 122 -44.56 -10.83 -26.26
CA PHE D 122 -46.00 -11.13 -26.29
C PHE D 122 -46.88 -9.90 -26.07
N ASP D 123 -46.30 -8.72 -26.30
CA ASP D 123 -46.95 -7.43 -26.13
C ASP D 123 -47.39 -7.08 -24.71
N HIS D 124 -46.76 -7.68 -23.72
CA HIS D 124 -47.01 -7.29 -22.34
C HIS D 124 -46.19 -6.06 -22.00
N PRO D 125 -46.76 -5.13 -21.21
CA PRO D 125 -45.95 -4.05 -20.70
C PRO D 125 -44.76 -4.56 -19.90
N LEU D 126 -43.69 -3.79 -19.91
CA LEU D 126 -42.51 -4.16 -19.11
C LEU D 126 -42.91 -4.20 -17.64
N GLY D 127 -42.37 -5.19 -16.93
CA GLY D 127 -42.71 -5.41 -15.53
C GLY D 127 -43.87 -6.34 -15.27
N PHE D 128 -44.68 -6.62 -16.30
CA PHE D 128 -45.88 -7.40 -16.17
C PHE D 128 -45.67 -8.88 -16.47
N ILE D 129 -46.24 -9.71 -15.60
CA ILE D 129 -46.34 -11.15 -15.83
C ILE D 129 -47.82 -11.53 -15.76
N PRO D 130 -48.29 -12.34 -16.74
CA PRO D 130 -49.66 -12.88 -16.64
C PRO D 130 -49.96 -13.51 -15.27
N GLU D 131 -51.19 -13.28 -14.80
CA GLU D 131 -51.67 -13.74 -13.49
C GLU D 131 -51.01 -12.98 -12.32
N SER D 132 -50.39 -11.84 -12.64
CA SER D 132 -49.83 -10.96 -11.63
C SER D 132 -50.15 -9.50 -12.01
N ALA D 133 -49.30 -8.57 -11.59
CA ALA D 133 -49.47 -7.14 -11.88
C ALA D 133 -48.10 -6.47 -11.86
N ILE D 134 -47.99 -5.33 -12.55
CA ILE D 134 -46.75 -4.58 -12.56
C ILE D 134 -46.37 -4.12 -11.12
N PHE D 135 -47.32 -3.50 -10.43
CA PHE D 135 -47.06 -2.89 -9.14
C PHE D 135 -47.59 -3.72 -7.99
N ILE D 136 -46.74 -3.92 -7.00
N ILE D 136 -46.72 -3.92 -7.00
CA ILE D 136 -47.06 -4.66 -5.79
CA ILE D 136 -47.04 -4.64 -5.79
C ILE D 136 -47.22 -3.66 -4.65
C ILE D 136 -47.24 -3.63 -4.68
N GLU D 137 -48.32 -3.77 -3.92
CA GLU D 137 -48.62 -2.85 -2.79
C GLU D 137 -48.01 -3.33 -1.48
N THR D 138 -47.75 -2.37 -0.61
CA THR D 138 -47.30 -2.62 0.75
C THR D 138 -48.41 -2.22 1.72
N SER D 139 -48.14 -2.37 3.01
CA SER D 139 -49.15 -2.17 4.05
C SER D 139 -49.40 -0.69 4.33
N GLY D 140 -50.65 -0.26 4.13
CA GLY D 140 -51.04 1.11 4.49
C GLY D 140 -50.88 1.42 5.97
N SER D 141 -51.27 0.49 6.81
CA SER D 141 -51.16 0.68 8.25
C SER D 141 -49.70 0.83 8.70
N LEU D 142 -48.80 0.01 8.16
CA LEU D 142 -47.38 0.14 8.50
C LEU D 142 -46.75 1.39 7.92
N ASN D 143 -47.11 1.74 6.69
CA ASN D 143 -46.56 2.95 6.08
C ASN D 143 -47.05 4.18 6.85
N ALA D 144 -48.30 4.17 7.30
CA ALA D 144 -48.84 5.24 8.14
C ALA D 144 -48.07 5.35 9.47
N LEU D 145 -47.75 4.20 10.06
CA LEU D 145 -46.93 4.18 11.29
C LEU D 145 -45.57 4.83 11.04
N ALA D 146 -44.91 4.45 9.94
CA ALA D 146 -43.61 5.03 9.60
C ALA D 146 -43.69 6.56 9.49
N LYS D 147 -44.71 7.05 8.78
CA LYS D 147 -44.86 8.49 8.60
C LYS D 147 -45.10 9.22 9.91
N LYS D 148 -45.89 8.61 10.79
CA LYS D 148 -46.18 9.19 12.10
C LYS D 148 -44.92 9.31 12.94
N ILE D 149 -44.15 8.23 13.02
CA ILE D 149 -42.91 8.22 13.80
C ILE D 149 -41.88 9.21 13.23
N ALA D 150 -41.76 9.25 11.89
CA ALA D 150 -40.83 10.17 11.26
C ALA D 150 -41.15 11.63 11.60
N ASN D 151 -42.44 11.96 11.58
CA ASN D 151 -42.90 13.29 11.95
C ASN D 151 -42.56 13.60 13.41
N GLU D 152 -42.77 12.63 14.30
CA GLU D 152 -42.40 12.78 15.72
C GLU D 152 -40.89 12.98 15.93
N GLN D 153 -40.08 12.23 15.18
CA GLN D 153 -38.61 12.30 15.27
C GLN D 153 -38.03 13.50 14.53
N HIS D 154 -38.84 14.24 13.78
CA HIS D 154 -38.36 15.32 12.91
C HIS D 154 -37.31 14.81 11.92
N ILE D 155 -37.58 13.65 11.33
CA ILE D 155 -36.74 13.16 10.24
C ILE D 155 -37.57 13.13 8.98
N ALA D 156 -36.93 13.48 7.87
CA ALA D 156 -37.55 13.42 6.58
C ALA D 156 -37.68 11.93 6.24
N LEU D 157 -38.89 11.55 5.88
CA LEU D 157 -39.14 10.23 5.33
C LEU D 157 -39.88 10.51 4.05
N LYS D 158 -39.31 10.04 2.95
CA LYS D 158 -39.99 10.13 1.67
C LYS D 158 -40.73 8.83 1.43
N GLU D 159 -41.72 8.90 0.54
CA GLU D 159 -42.40 7.70 0.09
C GLU D 159 -42.38 7.68 -1.43
N GLY D 160 -42.33 6.49 -2.01
CA GLY D 160 -42.36 6.39 -3.44
C GLY D 160 -42.22 4.98 -3.92
N VAL D 161 -42.13 4.86 -5.23
CA VAL D 161 -42.08 3.55 -5.90
C VAL D 161 -40.63 3.07 -5.86
N ILE D 162 -40.43 1.80 -5.50
CA ILE D 162 -39.10 1.19 -5.54
C ILE D 162 -39.08 0.13 -6.64
N ALA D 163 -38.05 0.20 -7.48
CA ALA D 163 -37.82 -0.76 -8.55
C ALA D 163 -36.79 -1.78 -8.10
N SER D 164 -37.08 -3.06 -8.28
CA SER D 164 -36.16 -4.14 -7.92
C SER D 164 -35.84 -5.01 -9.13
N GLY D 165 -34.58 -5.41 -9.26
CA GLY D 165 -34.12 -6.28 -10.32
C GLY D 165 -32.86 -7.00 -9.92
N ASP D 166 -32.40 -7.90 -10.78
CA ASP D 166 -31.21 -8.70 -10.47
C ASP D 166 -29.92 -8.14 -11.09
N GLN D 167 -29.90 -6.82 -11.28
CA GLN D 167 -28.71 -6.10 -11.70
C GLN D 167 -28.48 -4.93 -10.75
N PHE D 168 -27.21 -4.67 -10.47
CA PHE D 168 -26.84 -3.45 -9.75
C PHE D 168 -26.82 -2.36 -10.81
N VAL D 169 -27.62 -1.31 -10.60
CA VAL D 169 -27.79 -0.26 -11.58
C VAL D 169 -26.71 0.81 -11.39
N HIS D 170 -25.99 1.12 -12.47
CA HIS D 170 -24.87 2.03 -12.40
C HIS D 170 -24.68 2.76 -13.74
N SER D 171 -25.78 3.25 -14.27
CA SER D 171 -25.74 4.03 -15.51
C SER D 171 -26.89 5.01 -15.59
N LYS D 172 -26.60 6.18 -16.15
CA LYS D 172 -27.62 7.18 -16.44
C LYS D 172 -28.76 6.60 -17.27
N GLU D 173 -28.43 5.81 -18.28
CA GLU D 173 -29.39 5.29 -19.22
C GLU D 173 -30.43 4.39 -18.49
N ARG D 174 -29.93 3.52 -17.62
CA ARG D 174 -30.85 2.62 -16.91
C ARG D 174 -31.67 3.37 -15.85
N LYS D 175 -31.03 4.27 -15.11
CA LYS D 175 -31.76 5.14 -14.17
C LYS D 175 -32.94 5.81 -14.83
N GLU D 176 -32.68 6.42 -15.97
CA GLU D 176 -33.70 7.18 -16.66
C GLU D 176 -34.83 6.29 -17.19
N PHE D 177 -34.51 5.08 -17.62
CA PHE D 177 -35.55 4.09 -17.94
C PHE D 177 -36.46 3.78 -16.74
N LEU D 178 -35.86 3.59 -15.55
CA LEU D 178 -36.64 3.24 -14.37
C LEU D 178 -37.61 4.36 -14.00
N VAL D 179 -37.15 5.60 -14.16
CA VAL D 179 -38.00 6.77 -13.90
C VAL D 179 -39.09 6.89 -14.96
N SER D 180 -38.71 6.78 -16.23
CA SER D 180 -39.70 6.97 -17.32
C SER D 180 -40.72 5.84 -17.37
N GLU D 181 -40.28 4.59 -17.19
CA GLU D 181 -41.17 3.45 -17.31
C GLU D 181 -42.06 3.21 -16.10
N PHE D 182 -41.48 3.34 -14.89
CA PHE D 182 -42.15 2.94 -13.67
C PHE D 182 -42.37 4.09 -12.66
N LYS D 183 -41.88 5.28 -12.97
CA LYS D 183 -41.90 6.42 -12.03
C LYS D 183 -41.27 6.07 -10.70
N ALA D 184 -40.21 5.26 -10.74
CA ALA D 184 -39.53 4.81 -9.53
C ALA D 184 -38.69 5.91 -8.92
N SER D 185 -38.57 5.90 -7.60
CA SER D 185 -37.73 6.84 -6.83
C SER D 185 -36.38 6.24 -6.39
N ALA D 186 -36.34 4.91 -6.25
CA ALA D 186 -35.15 4.23 -5.79
C ALA D 186 -35.08 2.86 -6.41
N VAL D 187 -33.87 2.28 -6.42
CA VAL D 187 -33.62 1.00 -7.03
C VAL D 187 -32.85 0.10 -6.07
N GLU D 188 -33.21 -1.18 -6.07
CA GLU D 188 -32.54 -2.18 -5.24
C GLU D 188 -32.79 -3.55 -5.84
N MET D 189 -32.55 -4.66 -5.12
CA MET D 189 -32.57 -5.98 -5.74
C MET D 189 -33.44 -6.99 -5.00
N GLU D 190 -34.27 -6.53 -4.07
CA GLU D 190 -35.02 -7.43 -3.17
C GLU D 190 -36.41 -6.98 -2.75
N GLY D 191 -36.69 -5.67 -2.77
CA GLY D 191 -37.93 -5.19 -2.17
C GLY D 191 -39.16 -5.78 -2.83
N ALA D 192 -39.18 -5.77 -4.15
CA ALA D 192 -40.35 -6.22 -4.88
C ALA D 192 -40.63 -7.70 -4.61
N SER D 193 -39.58 -8.51 -4.54
CA SER D 193 -39.75 -9.93 -4.27
C SER D 193 -40.25 -10.16 -2.84
N VAL D 194 -39.70 -9.43 -1.87
CA VAL D 194 -40.18 -9.54 -0.48
C VAL D 194 -41.66 -9.16 -0.38
N ALA D 195 -41.99 -7.99 -0.94
CA ALA D 195 -43.37 -7.49 -0.90
C ALA D 195 -44.34 -8.41 -1.67
N PHE D 196 -43.85 -8.98 -2.78
CA PHE D 196 -44.64 -9.90 -3.57
C PHE D 196 -45.04 -11.14 -2.75
N VAL D 197 -44.04 -11.76 -2.12
CA VAL D 197 -44.30 -12.94 -1.30
C VAL D 197 -45.31 -12.60 -0.19
N CYS D 198 -45.06 -11.50 0.49
CA CYS D 198 -45.98 -11.07 1.56
C CYS D 198 -47.40 -10.90 1.05
N GLN D 199 -47.57 -10.28 -0.12
CA GLN D 199 -48.89 -10.12 -0.72
C GLN D 199 -49.55 -11.48 -0.98
N LYS D 200 -48.79 -12.43 -1.52
CA LYS D 200 -49.36 -13.74 -1.84
C LYS D 200 -49.86 -14.49 -0.59
N PHE D 201 -49.20 -14.27 0.55
CA PHE D 201 -49.56 -14.93 1.81
C PHE D 201 -50.44 -14.08 2.72
N GLY D 202 -50.79 -12.88 2.29
CA GLY D 202 -51.64 -11.99 3.08
C GLY D 202 -50.97 -11.46 4.33
N VAL D 203 -49.64 -11.25 4.27
CA VAL D 203 -48.85 -10.80 5.40
C VAL D 203 -48.50 -9.32 5.19
N PRO D 204 -48.84 -8.44 6.15
CA PRO D 204 -48.46 -7.03 6.00
C PRO D 204 -46.96 -6.82 5.85
N CYS D 205 -46.55 -5.95 4.92
CA CYS D 205 -45.16 -5.72 4.60
C CYS D 205 -44.85 -4.23 4.53
N CYS D 206 -43.72 -3.84 5.08
CA CYS D 206 -43.19 -2.49 4.91
C CYS D 206 -41.74 -2.62 4.43
N VAL D 207 -41.39 -1.88 3.38
CA VAL D 207 -40.02 -1.86 2.86
C VAL D 207 -39.41 -0.47 3.09
N LEU D 208 -38.36 -0.44 3.93
CA LEU D 208 -37.60 0.75 4.25
C LEU D 208 -36.21 0.66 3.62
N ARG D 209 -35.76 1.76 3.01
CA ARG D 209 -34.44 1.84 2.42
C ARG D 209 -33.80 3.19 2.70
N SER D 210 -32.49 3.18 2.98
CA SER D 210 -31.69 4.38 3.07
C SER D 210 -30.76 4.45 1.87
N ILE D 211 -30.61 5.63 1.29
CA ILE D 211 -29.85 5.78 0.06
C ILE D 211 -28.34 5.60 0.28
N SER D 212 -27.72 4.72 -0.50
CA SER D 212 -26.27 4.49 -0.46
C SER D 212 -25.48 5.06 -1.64
N ASP D 213 -26.18 5.38 -2.73
CA ASP D 213 -25.57 5.78 -3.98
C ASP D 213 -26.61 6.36 -4.91
N ASN D 214 -26.16 6.88 -6.05
CA ASN D 214 -27.04 7.50 -7.03
C ASN D 214 -27.26 6.67 -8.29
N ALA D 215 -26.97 5.37 -8.21
CA ALA D 215 -27.30 4.41 -9.29
C ALA D 215 -26.71 4.80 -10.65
N ASP D 216 -25.56 5.48 -10.60
CA ASP D 216 -24.86 6.01 -11.76
C ASP D 216 -23.50 5.34 -11.87
N GLU D 217 -22.61 5.85 -12.72
CA GLU D 217 -21.33 5.18 -12.99
C GLU D 217 -20.41 5.09 -11.76
N LYS D 218 -20.63 5.97 -10.77
CA LYS D 218 -19.89 5.92 -9.50
C LYS D 218 -20.58 5.10 -8.41
N ALA D 219 -21.67 4.43 -8.70
CA ALA D 219 -22.48 3.79 -7.67
C ALA D 219 -21.75 2.69 -6.92
N GLY D 220 -20.89 1.93 -7.59
CA GLY D 220 -20.15 0.87 -6.92
C GLY D 220 -19.31 1.43 -5.79
N MET D 221 -18.60 2.49 -6.11
CA MET D 221 -17.72 3.15 -5.13
C MET D 221 -18.51 3.85 -4.03
N SER D 222 -19.59 4.53 -4.38
CA SER D 222 -20.46 5.18 -3.40
C SER D 222 -21.07 4.16 -2.46
N PHE D 223 -21.59 3.06 -3.03
CA PHE D 223 -22.16 1.98 -2.24
C PHE D 223 -21.14 1.45 -1.21
N ASP D 224 -19.91 1.17 -1.65
CA ASP D 224 -18.89 0.63 -0.72
C ASP D 224 -18.60 1.63 0.41
N GLU D 225 -18.61 2.91 0.07
CA GLU D 225 -18.35 3.97 1.05
C GLU D 225 -19.48 4.15 2.08
N PHE D 226 -20.73 4.09 1.62
CA PHE D 226 -21.87 4.47 2.44
C PHE D 226 -22.75 3.34 2.94
N LEU D 227 -22.46 2.10 2.54
CA LEU D 227 -23.25 0.95 2.99
C LEU D 227 -23.44 0.93 4.51
N GLU D 228 -22.33 1.06 5.26
CA GLU D 228 -22.41 0.95 6.72
C GLU D 228 -23.32 2.04 7.32
N LYS D 229 -23.10 3.27 6.92
CA LYS D 229 -23.84 4.40 7.51
C LYS D 229 -25.31 4.32 7.12
N SER D 230 -25.57 4.11 5.83
CA SER D 230 -26.96 4.01 5.35
C SER D 230 -27.69 2.82 5.94
N ALA D 231 -27.03 1.67 6.06
CA ALA D 231 -27.62 0.52 6.72
C ALA D 231 -28.01 0.81 8.18
N HIS D 232 -27.16 1.54 8.89
CA HIS D 232 -27.45 1.92 10.27
C HIS D 232 -28.66 2.87 10.36
N THR D 233 -28.72 3.82 9.44
CA THR D 233 -29.84 4.78 9.37
C THR D 233 -31.17 4.04 9.22
N SER D 234 -31.22 3.08 8.29
CA SER D 234 -32.42 2.31 8.08
C SER D 234 -32.74 1.44 9.28
N ALA D 235 -31.72 0.79 9.84
CA ALA D 235 -31.90 -0.10 10.99
C ALA D 235 -32.49 0.62 12.20
N LYS D 236 -31.96 1.81 12.45
CA LYS D 236 -32.42 2.64 13.56
C LYS D 236 -33.90 3.00 13.40
N PHE D 237 -34.28 3.36 12.17
CA PHE D 237 -35.69 3.66 11.90
C PHE D 237 -36.57 2.42 12.04
N LEU D 238 -36.11 1.28 11.53
CA LEU D 238 -36.86 0.04 11.69
C LEU D 238 -37.09 -0.27 13.18
N LYS D 239 -36.05 -0.14 14.00
CA LYS D 239 -36.22 -0.36 15.43
C LYS D 239 -37.30 0.57 16.03
N SER D 240 -37.29 1.83 15.63
CA SER D 240 -38.30 2.79 16.13
C SER D 240 -39.72 2.35 15.76
N MET D 241 -39.89 1.72 14.59
CA MET D 241 -41.18 1.15 14.22
C MET D 241 -41.58 -0.01 15.11
N VAL D 242 -40.64 -0.93 15.33
CA VAL D 242 -40.94 -2.10 16.17
C VAL D 242 -41.32 -1.64 17.60
N ASP D 243 -40.69 -0.57 18.08
CA ASP D 243 -41.03 -0.01 19.39
C ASP D 243 -42.49 0.44 19.54
N GLU D 244 -43.15 0.74 18.41
CA GLU D 244 -44.56 1.13 18.38
C GLU D 244 -45.55 0.00 18.11
N LEU D 245 -45.06 -1.20 17.83
CA LEU D 245 -45.93 -2.32 17.48
C LEU D 245 -46.46 -3.02 18.73
#